data_4GJD
#
_entry.id   4GJD
#
_cell.length_a   141.917
_cell.length_b   141.917
_cell.length_c   141.917
_cell.angle_alpha   90.00
_cell.angle_beta   90.00
_cell.angle_gamma   90.00
#
_symmetry.space_group_name_H-M   'P 21 3'
#
loop_
_entity.id
_entity.type
_entity.pdbx_description
1 polymer Renin
2 non-polymer 2-acetamido-2-deoxy-beta-D-glucopyranose
3 non-polymer (3S,5R)-N-{[9-(4-methoxybutyl)-9H-xanthen-9-yl]methyl}-5-{[(4-methylphenyl)sulfonyl]amino}piperidine-3-carboxamide
4 non-polymer 'SULFATE ION'
5 water water
#
_entity_poly.entity_id   1
_entity_poly.type   'polypeptide(L)'
_entity_poly.pdbx_seq_one_letter_code
;LTLGNTTSSVILTNYMDTQYYGEIGIGTPPQTFKVVFDTGSSNVWVPSSKCSRLYTACVYHKLFDASDSSSYKHNGTELT
LRYSTGTVSGFLSQDIITVGGITVTQMFGEVTEMPALPFMLAEFDGVVGMGFIEQAIGRVTPIFDNIISQGVLKEDVFSF
YYNRDSENSQSLGGQIVLGGSDPQHYEGNFHYINLIKTGVWQIQMKGVSVGSSTLLCEDGCLALVDTGASYISGSTSSIE
KLMEALGAKKRLFDYVVKCNEGPTLPDISFHLGGKEYTLTSADYVFQESYSSKKLCTLAIHAMDIPPPTGPTWALGATFI
RKFYTEFDRRNNRIGFALAR
;
_entity_poly.pdbx_strand_id   A,B
#
loop_
_chem_comp.id
_chem_comp.type
_chem_comp.name
_chem_comp.formula
0N0 non-polymer (3S,5R)-N-{[9-(4-methoxybutyl)-9H-xanthen-9-yl]methyl}-5-{[(4-methylphenyl)sulfonyl]amino}piperidine-3-carboxamide 'C32 H39 N3 O5 S'
NAG D-saccharide, beta linking 2-acetamido-2-deoxy-beta-D-glucopyranose 'C8 H15 N O6'
SO4 non-polymer 'SULFATE ION' 'O4 S -2'
#
# COMPACT_ATOMS: atom_id res chain seq x y z
N THR A 2 29.18 -23.88 0.70
CA THR A 2 29.86 -23.07 1.71
C THR A 2 29.01 -21.83 2.03
N LEU A 3 28.85 -21.52 3.33
CA LEU A 3 28.10 -20.34 3.77
C LEU A 3 29.00 -19.41 4.61
N GLY A 4 28.79 -18.10 4.47
CA GLY A 4 29.52 -17.07 5.19
C GLY A 4 28.64 -16.31 6.16
N ASN A 5 28.83 -14.99 6.25
CA ASN A 5 27.98 -14.19 7.13
C ASN A 5 27.36 -13.02 6.38
N THR A 6 27.86 -12.79 5.18
CA THR A 6 27.48 -11.68 4.32
C THR A 6 26.04 -11.69 3.78
N THR A 7 25.42 -10.52 3.84
CA THR A 7 24.16 -10.18 3.19
C THR A 7 24.53 -8.94 2.39
N SER A 8 23.94 -8.80 1.23
CA SER A 8 24.22 -7.65 0.40
C SER A 8 22.89 -7.12 -0.10
N SER A 9 22.75 -5.82 -0.26
CA SER A 9 21.51 -5.25 -0.78
C SER A 9 21.68 -4.35 -2.00
N VAL A 10 20.67 -4.33 -2.86
CA VAL A 10 20.66 -3.48 -4.05
C VAL A 10 19.42 -2.59 -3.94
N ILE A 11 19.64 -1.28 -3.94
CA ILE A 11 18.56 -0.30 -3.90
C ILE A 11 17.94 -0.28 -5.33
N LEU A 12 16.58 -0.37 -5.39
CA LEU A 12 15.87 -0.35 -6.67
C LEU A 12 15.16 0.97 -6.89
N THR A 13 14.94 1.30 -8.17
CA THR A 13 14.21 2.48 -8.63
C THR A 13 12.84 2.00 -9.10
N ASN A 14 11.79 2.67 -8.69
CA ASN A 14 10.43 2.32 -9.12
C ASN A 14 9.99 3.30 -10.21
N TYR A 15 9.89 2.79 -11.46
CA TYR A 15 9.39 3.59 -12.58
C TYR A 15 7.91 3.28 -12.82
N MET A 16 7.02 4.24 -12.45
CA MET A 16 5.57 4.23 -12.66
C MET A 16 4.84 3.00 -12.15
N ASP A 17 5.40 2.26 -11.16
CA ASP A 17 4.80 1.01 -10.65
C ASP A 17 4.87 -0.14 -11.68
N THR A 18 5.53 0.09 -12.83
CA THR A 18 5.66 -0.92 -13.87
C THR A 18 7.07 -1.46 -14.08
N GLN A 19 8.12 -0.66 -13.76
CA GLN A 19 9.51 -1.13 -13.93
C GLN A 19 10.30 -0.88 -12.68
N TYR A 20 10.93 -1.93 -12.14
CA TYR A 20 11.78 -1.85 -10.93
C TYR A 20 13.13 -2.34 -11.34
N TYR A 21 14.13 -1.49 -11.16
CA TYR A 21 15.49 -1.83 -11.59
C TYR A 21 16.54 -1.26 -10.64
N GLY A 22 17.67 -1.93 -10.57
CA GLY A 22 18.83 -1.50 -9.79
C GLY A 22 20.06 -1.37 -10.68
N GLU A 23 21.21 -1.12 -10.05
CA GLU A 23 22.43 -0.93 -10.81
C GLU A 23 23.44 -1.99 -10.58
N ILE A 24 24.17 -2.32 -11.65
CA ILE A 24 25.31 -3.24 -11.64
C ILE A 24 26.45 -2.57 -12.43
N GLY A 25 27.70 -2.95 -12.14
CA GLY A 25 28.88 -2.50 -12.86
C GLY A 25 29.52 -3.66 -13.58
N ILE A 26 29.84 -3.50 -14.86
CA ILE A 26 30.48 -4.55 -15.65
C ILE A 26 31.82 -4.04 -16.16
N GLY A 27 32.89 -4.78 -15.89
CA GLY A 27 34.24 -4.48 -16.36
C GLY A 27 35.17 -3.73 -15.42
N THR A 28 36.43 -3.50 -15.88
CA THR A 28 37.48 -2.76 -15.18
C THR A 28 37.96 -1.62 -16.11
N PRO A 29 37.66 -0.33 -15.83
CA PRO A 29 36.85 0.22 -14.72
C PRO A 29 35.36 -0.16 -14.93
N PRO A 30 34.50 -0.14 -13.88
CA PRO A 30 33.10 -0.56 -14.08
C PRO A 30 32.31 0.37 -14.99
N GLN A 31 31.53 -0.24 -15.89
CA GLN A 31 30.59 0.44 -16.78
C GLN A 31 29.25 0.12 -16.12
N THR A 32 28.50 1.13 -15.66
CA THR A 32 27.26 0.93 -14.91
C THR A 32 26.05 0.77 -15.80
N PHE A 33 25.13 -0.15 -15.42
CA PHE A 33 23.90 -0.39 -16.18
C PHE A 33 22.74 -0.45 -15.21
N LYS A 34 21.54 0.01 -15.66
CA LYS A 34 20.27 -0.09 -14.92
C LYS A 34 19.70 -1.43 -15.38
N VAL A 35 19.49 -2.36 -14.44
CA VAL A 35 19.04 -3.73 -14.76
C VAL A 35 17.80 -4.17 -13.95
N VAL A 36 16.96 -5.02 -14.57
CA VAL A 36 15.81 -5.68 -13.95
C VAL A 36 16.30 -7.02 -13.38
N PHE A 37 15.99 -7.29 -12.09
CA PHE A 37 16.35 -8.55 -11.43
C PHE A 37 15.14 -9.42 -11.57
N ASP A 38 15.25 -10.39 -12.49
CA ASP A 38 14.16 -11.25 -13.00
C ASP A 38 14.20 -12.70 -12.54
N THR A 39 13.24 -13.10 -11.70
CA THR A 39 13.14 -14.50 -11.24
C THR A 39 12.51 -15.42 -12.32
N GLY A 40 11.93 -14.81 -13.34
CA GLY A 40 11.30 -15.51 -14.46
C GLY A 40 12.23 -15.87 -15.61
N SER A 41 13.55 -15.59 -15.46
CA SER A 41 14.61 -15.88 -16.46
C SER A 41 15.99 -16.06 -15.78
N SER A 42 16.97 -16.61 -16.50
CA SER A 42 18.26 -16.94 -15.90
C SER A 42 19.50 -16.36 -16.60
N ASN A 43 19.29 -15.52 -17.62
CA ASN A 43 20.38 -14.92 -18.35
C ASN A 43 20.60 -13.47 -17.98
N VAL A 44 21.88 -13.07 -17.93
CA VAL A 44 22.35 -11.70 -17.72
C VAL A 44 22.64 -11.17 -19.11
N TRP A 45 22.09 -10.00 -19.44
CA TRP A 45 22.35 -9.31 -20.71
C TRP A 45 22.29 -7.80 -20.56
N VAL A 46 23.06 -7.08 -21.37
CA VAL A 46 23.10 -5.60 -21.45
C VAL A 46 23.24 -5.23 -22.93
N PRO A 47 22.81 -4.04 -23.39
CA PRO A 47 23.06 -3.68 -24.81
C PRO A 47 24.57 -3.52 -25.08
N SER A 48 25.02 -3.86 -26.30
CA SER A 48 26.42 -3.84 -26.71
C SER A 48 26.82 -2.58 -27.48
N SER A 49 28.13 -2.25 -27.43
CA SER A 49 28.71 -1.15 -28.21
C SER A 49 28.69 -1.56 -29.71
N LYS A 50 28.58 -2.88 -29.95
CA LYS A 50 28.51 -3.53 -31.25
C LYS A 50 27.08 -3.59 -31.80
N CYS A 51 26.12 -2.97 -31.10
CA CYS A 51 24.77 -2.88 -31.61
C CYS A 51 24.73 -1.74 -32.63
N SER A 52 24.13 -2.00 -33.81
CA SER A 52 23.98 -1.06 -34.91
C SER A 52 23.09 0.09 -34.46
N ARG A 53 23.50 1.33 -34.75
CA ARG A 53 22.76 2.53 -34.37
C ARG A 53 21.44 2.73 -35.14
N LEU A 54 21.13 1.77 -36.05
CA LEU A 54 19.87 1.69 -36.78
C LEU A 54 18.80 1.12 -35.83
N TYR A 55 19.25 0.35 -34.76
CA TYR A 55 18.41 -0.06 -33.62
C TYR A 55 18.39 1.19 -32.76
N THR A 56 17.23 1.89 -32.77
CA THR A 56 17.01 3.14 -32.05
C THR A 56 17.17 2.94 -30.52
N ALA A 57 16.70 1.76 -29.99
CA ALA A 57 16.83 1.35 -28.57
C ALA A 57 18.27 1.48 -28.12
N CYS A 58 19.23 1.05 -28.95
CA CYS A 58 20.65 1.12 -28.68
C CYS A 58 21.16 2.54 -28.58
N VAL A 59 20.53 3.46 -29.32
CA VAL A 59 20.85 4.89 -29.22
C VAL A 59 20.36 5.43 -27.83
N TYR A 60 19.25 4.87 -27.31
CA TYR A 60 18.60 5.30 -26.06
C TYR A 60 19.04 4.61 -24.75
N HIS A 61 19.99 3.66 -24.82
CA HIS A 61 20.47 2.96 -23.62
C HIS A 61 21.99 2.90 -23.53
N LYS A 62 22.49 2.61 -22.31
CA LYS A 62 23.92 2.45 -22.04
C LYS A 62 24.41 1.18 -22.75
N LEU A 63 25.57 1.27 -23.42
CA LEU A 63 26.13 0.13 -24.16
C LEU A 63 27.42 -0.36 -23.57
N PHE A 64 27.57 -1.68 -23.43
CA PHE A 64 28.82 -2.25 -22.94
C PHE A 64 29.83 -2.25 -24.05
N ASP A 65 31.00 -1.65 -23.78
CA ASP A 65 32.15 -1.62 -24.69
C ASP A 65 33.27 -2.47 -24.08
N ALA A 66 33.53 -3.65 -24.68
CA ALA A 66 34.56 -4.60 -24.24
C ALA A 66 35.99 -4.03 -24.38
N SER A 67 36.19 -3.15 -25.37
CA SER A 67 37.43 -2.45 -25.71
C SER A 67 37.89 -1.49 -24.62
N ASP A 68 37.03 -1.18 -23.65
CA ASP A 68 37.33 -0.30 -22.52
C ASP A 68 37.49 -1.07 -21.23
N SER A 69 37.39 -2.40 -21.28
CA SER A 69 37.48 -3.24 -20.07
C SER A 69 38.73 -4.13 -20.08
N SER A 70 39.57 -3.97 -19.07
CA SER A 70 40.81 -4.74 -18.94
C SER A 70 40.59 -6.18 -18.41
N SER A 71 39.37 -6.48 -17.89
CA SER A 71 39.03 -7.79 -17.34
C SER A 71 38.17 -8.68 -18.27
N TYR A 72 37.76 -8.15 -19.42
CA TYR A 72 36.94 -8.84 -20.40
C TYR A 72 37.61 -10.10 -20.94
N LYS A 73 36.82 -11.17 -21.08
CA LYS A 73 37.25 -12.43 -21.70
C LYS A 73 36.22 -12.75 -22.77
N HIS A 74 36.68 -12.88 -24.00
CA HIS A 74 35.90 -13.19 -25.18
C HIS A 74 35.27 -14.59 -25.12
N ASN A 75 34.07 -14.74 -25.71
CA ASN A 75 33.38 -16.01 -25.90
C ASN A 75 32.85 -16.06 -27.32
N GLY A 76 31.88 -15.22 -27.63
CA GLY A 76 31.37 -15.10 -28.98
C GLY A 76 30.17 -15.94 -29.35
N THR A 77 29.78 -16.93 -28.51
CA THR A 77 28.63 -17.81 -28.77
C THR A 77 27.36 -16.99 -29.04
N GLU A 78 26.69 -17.24 -30.19
CA GLU A 78 25.44 -16.55 -30.51
C GLU A 78 24.33 -16.94 -29.52
N LEU A 79 23.43 -16.01 -29.26
CA LEU A 79 22.42 -16.14 -28.21
C LEU A 79 21.19 -15.31 -28.58
N THR A 80 20.00 -15.90 -28.41
CA THR A 80 18.69 -15.27 -28.63
C THR A 80 17.90 -15.52 -27.37
N LEU A 81 17.31 -14.44 -26.80
CA LEU A 81 16.55 -14.44 -25.54
C LEU A 81 15.17 -13.87 -25.78
N ARG A 82 14.15 -14.66 -25.42
CA ARG A 82 12.73 -14.33 -25.62
C ARG A 82 12.03 -13.97 -24.34
N TYR A 83 11.27 -12.87 -24.39
CA TYR A 83 10.51 -12.32 -23.27
C TYR A 83 9.04 -12.15 -23.66
N SER A 84 8.20 -11.62 -22.77
CA SER A 84 6.77 -11.53 -23.08
C SER A 84 6.40 -10.60 -24.19
N THR A 85 7.09 -9.45 -24.20
CA THR A 85 6.94 -8.23 -25.00
C THR A 85 7.89 -8.10 -26.24
N GLY A 86 9.00 -8.82 -26.24
CA GLY A 86 10.05 -8.71 -27.24
C GLY A 86 11.16 -9.77 -27.11
N THR A 87 12.10 -9.74 -28.05
CA THR A 87 13.22 -10.67 -28.18
C THR A 87 14.49 -9.87 -28.43
N VAL A 88 15.60 -10.32 -27.83
CA VAL A 88 16.90 -9.73 -28.03
C VAL A 88 17.85 -10.80 -28.52
N SER A 89 18.83 -10.41 -29.31
CA SER A 89 19.84 -11.35 -29.77
C SER A 89 21.23 -10.69 -29.74
N GLY A 90 22.23 -11.49 -29.51
CA GLY A 90 23.61 -11.05 -29.42
C GLY A 90 24.56 -12.21 -29.28
N PHE A 91 25.66 -12.01 -28.52
CA PHE A 91 26.71 -12.98 -28.31
C PHE A 91 27.21 -12.95 -26.87
N LEU A 92 27.78 -14.08 -26.40
CA LEU A 92 28.29 -14.23 -25.06
C LEU A 92 29.67 -13.63 -24.84
N SER A 93 29.85 -13.05 -23.65
CA SER A 93 31.08 -12.42 -23.17
C SER A 93 31.22 -12.72 -21.70
N GLN A 94 32.42 -12.57 -21.16
CA GLN A 94 32.69 -12.74 -19.73
C GLN A 94 33.44 -11.52 -19.22
N ASP A 95 33.08 -11.07 -18.01
CA ASP A 95 33.74 -9.96 -17.31
C ASP A 95 33.35 -10.00 -15.83
N ILE A 96 33.93 -9.10 -15.02
CA ILE A 96 33.59 -8.96 -13.60
C ILE A 96 32.34 -8.11 -13.48
N ILE A 97 31.36 -8.57 -12.68
CA ILE A 97 30.10 -7.87 -12.39
C ILE A 97 30.02 -7.51 -10.89
N THR A 98 29.68 -6.26 -10.58
CA THR A 98 29.51 -5.86 -9.19
C THR A 98 28.02 -5.67 -8.94
N VAL A 99 27.52 -6.40 -7.97
CA VAL A 99 26.13 -6.36 -7.56
C VAL A 99 26.09 -6.16 -6.04
N GLY A 100 25.80 -4.92 -5.63
CA GLY A 100 25.74 -4.49 -4.24
C GLY A 100 26.96 -4.72 -3.36
N GLY A 101 28.16 -4.67 -3.90
CA GLY A 101 29.30 -4.93 -3.03
C GLY A 101 29.95 -6.26 -3.31
N ILE A 102 29.17 -7.22 -3.80
CA ILE A 102 29.66 -8.52 -4.26
C ILE A 102 30.29 -8.31 -5.65
N THR A 103 31.46 -8.90 -5.87
CA THR A 103 32.22 -8.88 -7.12
C THR A 103 32.26 -10.33 -7.63
N VAL A 104 31.74 -10.57 -8.84
CA VAL A 104 31.66 -11.92 -9.38
C VAL A 104 32.00 -11.99 -10.88
N THR A 105 32.77 -13.01 -11.28
CA THR A 105 33.13 -13.24 -12.68
C THR A 105 31.93 -13.95 -13.30
N GLN A 106 31.31 -13.27 -14.25
CA GLN A 106 30.07 -13.69 -14.86
C GLN A 106 30.12 -13.67 -16.36
N MET A 107 29.45 -14.65 -16.96
CA MET A 107 29.25 -14.81 -18.40
C MET A 107 27.90 -14.16 -18.67
N PHE A 108 27.85 -13.26 -19.64
CA PHE A 108 26.66 -12.50 -19.96
C PHE A 108 26.59 -12.27 -21.47
N GLY A 109 25.42 -11.91 -21.98
CA GLY A 109 25.24 -11.67 -23.39
C GLY A 109 25.29 -10.20 -23.72
N GLU A 110 26.05 -9.87 -24.77
CA GLU A 110 26.15 -8.54 -25.31
C GLU A 110 25.09 -8.54 -26.41
N VAL A 111 24.05 -7.68 -26.27
CA VAL A 111 22.92 -7.60 -27.19
C VAL A 111 23.21 -6.66 -28.38
N THR A 112 23.08 -7.20 -29.60
CA THR A 112 23.31 -6.48 -30.85
C THR A 112 22.02 -6.23 -31.65
N GLU A 113 20.90 -6.90 -31.26
CA GLU A 113 19.57 -6.73 -31.86
C GLU A 113 18.58 -6.51 -30.77
N MET A 114 18.10 -5.27 -30.66
CA MET A 114 17.21 -4.80 -29.62
C MET A 114 16.09 -3.96 -30.29
N PRO A 115 14.91 -4.59 -30.58
CA PRO A 115 13.81 -3.85 -31.25
C PRO A 115 13.25 -2.67 -30.45
N ALA A 116 13.01 -1.55 -31.18
CA ALA A 116 12.46 -0.28 -30.66
C ALA A 116 11.15 -0.53 -29.89
N LEU A 117 10.35 -1.47 -30.36
CA LEU A 117 9.14 -1.91 -29.66
C LEU A 117 9.49 -3.31 -29.15
N PRO A 118 9.67 -3.53 -27.83
CA PRO A 118 9.34 -2.64 -26.70
C PRO A 118 10.48 -1.86 -26.03
N PHE A 119 11.74 -2.13 -26.41
CA PHE A 119 12.91 -1.57 -25.77
C PHE A 119 13.05 -0.05 -25.71
N MET A 120 12.22 0.71 -26.47
CA MET A 120 12.21 2.18 -26.41
C MET A 120 11.45 2.62 -25.15
N LEU A 121 10.54 1.76 -24.65
CA LEU A 121 9.71 1.94 -23.45
C LEU A 121 10.50 1.57 -22.20
N ALA A 122 11.63 0.86 -22.39
CA ALA A 122 12.46 0.41 -21.28
C ALA A 122 13.26 1.53 -20.68
N GLU A 123 13.05 1.76 -19.37
CA GLU A 123 13.81 2.73 -18.60
C GLU A 123 15.16 2.06 -18.19
N PHE A 124 15.19 0.74 -18.10
CA PHE A 124 16.38 -0.07 -17.76
C PHE A 124 17.16 -0.41 -19.04
N ASP A 125 18.46 -0.73 -18.90
CA ASP A 125 19.34 -1.08 -20.02
C ASP A 125 19.28 -2.58 -20.29
N GLY A 126 19.48 -3.39 -19.25
CA GLY A 126 19.49 -4.84 -19.37
C GLY A 126 18.73 -5.61 -18.31
N VAL A 127 19.04 -6.91 -18.22
CA VAL A 127 18.36 -7.86 -17.34
C VAL A 127 19.38 -8.73 -16.65
N VAL A 128 19.12 -9.03 -15.36
CA VAL A 128 19.88 -9.96 -14.54
C VAL A 128 18.87 -11.07 -14.14
N GLY A 129 19.04 -12.24 -14.73
CA GLY A 129 18.21 -13.39 -14.47
C GLY A 129 18.49 -14.02 -13.11
N MET A 130 17.44 -14.12 -12.28
CA MET A 130 17.48 -14.67 -10.91
C MET A 130 16.93 -16.13 -10.86
N GLY A 131 16.65 -16.70 -12.02
CA GLY A 131 16.17 -18.08 -12.14
C GLY A 131 17.24 -19.15 -12.04
N PHE A 132 16.85 -20.41 -12.30
CA PHE A 132 17.75 -21.58 -12.24
C PHE A 132 18.43 -21.89 -13.59
N ILE A 133 19.59 -22.58 -13.52
CA ILE A 133 20.37 -22.98 -14.73
C ILE A 133 19.54 -23.69 -15.82
N GLU A 134 18.49 -24.43 -15.43
CA GLU A 134 17.56 -25.16 -16.33
C GLU A 134 16.90 -24.25 -17.36
N GLN A 135 16.59 -22.99 -16.97
CA GLN A 135 15.94 -22.00 -17.84
C GLN A 135 16.96 -21.13 -18.60
N ALA A 136 18.27 -21.28 -18.33
CA ALA A 136 19.33 -20.48 -18.95
C ALA A 136 19.67 -20.88 -20.39
N ILE A 137 19.62 -19.91 -21.29
CA ILE A 137 19.96 -20.15 -22.71
C ILE A 137 21.47 -20.29 -22.82
N GLY A 138 21.88 -21.39 -23.45
CA GLY A 138 23.28 -21.75 -23.62
C GLY A 138 23.81 -22.45 -22.38
N ARG A 139 22.90 -22.84 -21.48
CA ARG A 139 23.20 -23.52 -20.21
C ARG A 139 24.36 -22.81 -19.46
N VAL A 140 24.28 -21.45 -19.44
CA VAL A 140 25.24 -20.52 -18.81
C VAL A 140 24.92 -20.40 -17.32
N THR A 141 25.94 -20.50 -16.46
CA THR A 141 25.77 -20.42 -15.00
C THR A 141 25.12 -19.06 -14.60
N PRO A 142 23.92 -19.07 -13.96
CA PRO A 142 23.31 -17.79 -13.56
C PRO A 142 24.11 -17.15 -12.44
N ILE A 143 24.06 -15.80 -12.36
CA ILE A 143 24.79 -15.00 -11.38
C ILE A 143 24.66 -15.48 -9.92
N PHE A 144 23.41 -15.85 -9.46
CA PHE A 144 23.22 -16.30 -8.08
C PHE A 144 24.00 -17.57 -7.79
N ASP A 145 24.02 -18.52 -8.75
CA ASP A 145 24.80 -19.77 -8.66
C ASP A 145 26.28 -19.44 -8.48
N ASN A 146 26.80 -18.45 -9.25
CA ASN A 146 28.18 -17.99 -9.11
C ASN A 146 28.44 -17.28 -7.77
N ILE A 147 27.44 -16.52 -7.24
CA ILE A 147 27.55 -15.85 -5.94
C ILE A 147 27.56 -16.90 -4.78
N ILE A 148 26.66 -17.93 -4.86
CA ILE A 148 26.61 -19.04 -3.89
C ILE A 148 27.99 -19.72 -3.83
N SER A 149 28.59 -20.01 -5.00
CA SER A 149 29.90 -20.67 -5.11
C SER A 149 31.05 -19.97 -4.37
N GLN A 150 30.94 -18.65 -4.15
CA GLN A 150 31.96 -17.85 -3.44
C GLN A 150 32.01 -18.15 -1.94
N GLY A 151 30.91 -18.66 -1.39
CA GLY A 151 30.79 -19.00 0.03
C GLY A 151 30.83 -17.83 0.99
N VAL A 152 30.23 -16.70 0.59
CA VAL A 152 30.20 -15.47 1.38
C VAL A 152 28.84 -15.18 2.05
N LEU A 153 27.73 -15.58 1.38
CA LEU A 153 26.34 -15.33 1.82
C LEU A 153 26.00 -16.07 3.10
N LYS A 154 25.28 -15.41 4.03
CA LYS A 154 24.85 -16.02 5.30
C LYS A 154 23.91 -17.19 5.04
N GLU A 155 23.08 -17.08 4.00
CA GLU A 155 22.17 -18.14 3.55
C GLU A 155 21.92 -18.14 2.01
N ASP A 156 21.47 -19.28 1.44
CA ASP A 156 21.24 -19.37 0.00
C ASP A 156 19.82 -18.98 -0.38
N VAL A 157 19.49 -17.72 -0.01
CA VAL A 157 18.22 -17.05 -0.25
C VAL A 157 18.46 -15.62 -0.79
N PHE A 158 17.43 -15.04 -1.41
CA PHE A 158 17.37 -13.65 -1.83
C PHE A 158 15.92 -13.13 -1.74
N SER A 159 15.78 -11.87 -1.31
CA SER A 159 14.47 -11.27 -1.07
C SER A 159 14.22 -10.01 -1.83
N PHE A 160 12.93 -9.79 -2.16
CA PHE A 160 12.41 -8.66 -2.93
C PHE A 160 11.40 -7.87 -2.15
N TYR A 161 11.60 -6.54 -2.19
CA TYR A 161 10.72 -5.53 -1.67
C TYR A 161 10.46 -4.54 -2.82
N TYR A 162 9.19 -4.32 -3.16
CA TYR A 162 8.79 -3.38 -4.21
C TYR A 162 7.88 -2.38 -3.55
N ASN A 163 8.28 -1.12 -3.53
CA ASN A 163 7.46 -0.09 -2.91
C ASN A 163 6.34 0.37 -3.86
N ARG A 164 5.41 1.12 -3.29
CA ARG A 164 4.30 1.79 -3.95
C ARG A 164 4.88 3.12 -4.40
N ASP A 165 4.71 3.47 -5.69
CA ASP A 165 5.32 4.66 -6.30
C ASP A 165 5.77 5.81 -5.37
N GLN A 170 8.99 10.80 -2.17
CA GLN A 170 10.25 10.49 -2.84
C GLN A 170 11.31 9.77 -1.99
N SER A 171 11.05 8.45 -1.78
CA SER A 171 11.95 7.52 -1.08
C SER A 171 12.28 6.26 -1.92
N LEU A 172 12.70 5.18 -1.22
CA LEU A 172 13.09 3.88 -1.74
C LEU A 172 12.08 3.29 -2.75
N GLY A 173 12.57 2.93 -3.93
CA GLY A 173 11.74 2.30 -4.97
C GLY A 173 11.52 0.83 -4.68
N GLY A 174 12.50 0.24 -4.03
CA GLY A 174 12.49 -1.17 -3.68
C GLY A 174 13.85 -1.62 -3.20
N GLN A 175 13.98 -2.91 -2.90
CA GLN A 175 15.24 -3.46 -2.38
C GLN A 175 15.32 -4.94 -2.62
N ILE A 176 16.51 -5.39 -3.01
CA ILE A 176 16.85 -6.80 -3.13
C ILE A 176 17.91 -7.08 -2.04
N VAL A 177 17.72 -8.16 -1.28
CA VAL A 177 18.69 -8.61 -0.28
C VAL A 177 19.20 -9.95 -0.79
N LEU A 178 20.53 -10.09 -0.89
CA LEU A 178 21.20 -11.32 -1.31
C LEU A 178 21.76 -11.93 -0.02
N GLY A 179 21.32 -13.16 0.29
CA GLY A 179 21.77 -13.86 1.48
C GLY A 179 20.88 -13.70 2.71
N GLY A 180 19.67 -13.19 2.50
CA GLY A 180 18.70 -12.99 3.58
C GLY A 180 17.49 -12.17 3.20
N SER A 181 16.85 -11.56 4.23
CA SER A 181 15.67 -10.69 4.11
C SER A 181 15.85 -9.47 5.02
N ASP A 182 15.04 -8.42 4.82
CA ASP A 182 15.11 -7.20 5.61
C ASP A 182 13.81 -7.03 6.39
N PRO A 183 13.86 -7.22 7.73
CA PRO A 183 12.63 -7.11 8.54
C PRO A 183 12.01 -5.71 8.60
N GLN A 184 12.76 -4.65 8.19
CA GLN A 184 12.20 -3.29 8.15
C GLN A 184 11.10 -3.20 7.09
N HIS A 185 11.09 -4.12 6.10
CA HIS A 185 10.15 -4.11 4.99
C HIS A 185 9.00 -5.13 5.02
N TYR A 186 8.93 -5.98 6.08
CA TYR A 186 7.82 -6.92 6.22
C TYR A 186 7.30 -7.02 7.66
N GLU A 187 6.11 -7.60 7.80
CA GLU A 187 5.38 -7.79 9.04
C GLU A 187 4.98 -9.23 9.20
N GLY A 188 4.86 -9.65 10.43
CA GLY A 188 4.46 -11.03 10.73
C GLY A 188 5.53 -12.00 10.31
N ASN A 189 5.08 -13.21 10.02
CA ASN A 189 5.98 -14.30 9.65
C ASN A 189 5.80 -14.72 8.22
N PHE A 190 6.89 -15.24 7.63
CA PHE A 190 6.85 -15.78 6.31
C PHE A 190 6.07 -17.09 6.33
N HIS A 191 5.29 -17.32 5.27
CA HIS A 191 4.54 -18.54 5.01
C HIS A 191 5.14 -19.00 3.69
N TYR A 192 5.74 -20.22 3.70
CA TYR A 192 6.41 -20.82 2.54
C TYR A 192 5.54 -21.73 1.73
N ILE A 193 5.87 -21.83 0.44
CA ILE A 193 5.21 -22.70 -0.53
C ILE A 193 6.33 -23.38 -1.29
N ASN A 194 6.39 -24.70 -1.20
CA ASN A 194 7.42 -25.48 -1.88
C ASN A 194 7.23 -25.39 -3.37
N LEU A 195 8.35 -25.40 -4.12
CA LEU A 195 8.29 -25.36 -5.59
C LEU A 195 7.78 -26.70 -6.08
N ILE A 196 7.02 -26.69 -7.20
CA ILE A 196 6.53 -27.91 -7.82
C ILE A 196 7.75 -28.81 -8.16
N LYS A 197 8.76 -28.23 -8.83
CA LYS A 197 10.01 -28.88 -9.24
C LYS A 197 11.11 -27.83 -9.26
N THR A 198 12.37 -28.26 -9.06
CA THR A 198 13.50 -27.34 -9.14
C THR A 198 13.68 -26.92 -10.62
N GLY A 199 14.35 -25.80 -10.84
CA GLY A 199 14.57 -25.30 -12.19
C GLY A 199 13.71 -24.12 -12.56
N VAL A 200 12.59 -23.89 -11.83
CA VAL A 200 11.60 -22.81 -12.05
C VAL A 200 11.19 -22.27 -10.71
N TRP A 201 10.88 -20.95 -10.62
CA TRP A 201 10.30 -20.35 -9.40
C TRP A 201 8.77 -20.39 -9.56
N GLN A 202 8.24 -21.61 -9.63
CA GLN A 202 6.82 -21.87 -9.86
C GLN A 202 6.23 -22.74 -8.75
N ILE A 203 5.06 -22.33 -8.26
CA ILE A 203 4.35 -22.97 -7.15
C ILE A 203 2.92 -23.35 -7.58
N GLN A 204 2.26 -24.19 -6.76
CA GLN A 204 0.90 -24.61 -6.99
C GLN A 204 -0.04 -23.57 -6.40
N MET A 205 -1.04 -23.15 -7.17
CA MET A 205 -2.09 -22.24 -6.73
C MET A 205 -3.41 -23.05 -6.60
N LYS A 206 -4.06 -22.98 -5.43
CA LYS A 206 -5.26 -23.76 -5.13
C LYS A 206 -6.61 -23.17 -5.60
N GLY A 207 -6.62 -21.89 -5.96
CA GLY A 207 -7.83 -21.21 -6.45
C GLY A 207 -7.72 -19.70 -6.43
N VAL A 208 -8.53 -19.03 -7.28
CA VAL A 208 -8.61 -17.57 -7.40
C VAL A 208 -10.06 -17.14 -7.19
N SER A 209 -10.32 -16.32 -6.19
CA SER A 209 -11.67 -15.84 -5.95
C SER A 209 -11.84 -14.35 -6.26
N VAL A 210 -12.98 -14.00 -6.85
CA VAL A 210 -13.41 -12.63 -7.14
C VAL A 210 -14.61 -12.40 -6.22
N GLY A 211 -14.38 -11.68 -5.13
CA GLY A 211 -15.34 -11.51 -4.06
C GLY A 211 -15.00 -12.53 -3.00
N SER A 212 -15.98 -13.37 -2.60
CA SER A 212 -15.83 -14.44 -1.58
C SER A 212 -15.84 -15.84 -2.23
N SER A 213 -16.45 -15.93 -3.43
CA SER A 213 -16.64 -17.15 -4.21
C SER A 213 -15.46 -17.46 -5.15
N THR A 214 -14.88 -18.69 -5.03
CA THR A 214 -13.78 -19.18 -5.88
C THR A 214 -14.32 -19.38 -7.29
N LEU A 215 -14.31 -18.29 -8.08
CA LEU A 215 -14.81 -18.32 -9.46
C LEU A 215 -13.79 -18.91 -10.47
N LEU A 216 -12.45 -18.94 -10.12
CA LEU A 216 -11.39 -19.46 -11.00
C LEU A 216 -10.39 -20.35 -10.30
N CYS A 217 -9.60 -21.12 -11.09
CA CYS A 217 -8.54 -22.03 -10.64
C CYS A 217 -9.06 -23.05 -9.57
N GLU A 218 -10.35 -23.48 -9.71
CA GLU A 218 -11.04 -24.41 -8.80
C GLU A 218 -10.39 -25.77 -8.71
N ASP A 219 -9.91 -26.29 -9.85
CA ASP A 219 -9.24 -27.59 -9.90
C ASP A 219 -7.72 -27.51 -9.77
N GLY A 220 -7.23 -26.36 -9.32
CA GLY A 220 -5.81 -26.09 -9.13
C GLY A 220 -5.14 -25.61 -10.40
N CYS A 221 -4.11 -24.76 -10.24
CA CYS A 221 -3.35 -24.24 -11.36
C CYS A 221 -1.95 -23.81 -10.93
N LEU A 222 -1.12 -23.37 -11.88
CA LEU A 222 0.27 -22.99 -11.61
C LEU A 222 0.43 -21.51 -11.42
N ALA A 223 1.40 -21.12 -10.59
CA ALA A 223 1.74 -19.72 -10.33
C ALA A 223 3.25 -19.49 -10.39
N LEU A 224 3.68 -18.78 -11.42
CA LEU A 224 5.08 -18.36 -11.57
C LEU A 224 5.25 -17.05 -10.77
N VAL A 225 6.19 -17.04 -9.80
CA VAL A 225 6.44 -15.84 -8.98
C VAL A 225 7.56 -15.08 -9.70
N ASP A 226 7.14 -14.12 -10.56
CA ASP A 226 8.02 -13.36 -11.46
C ASP A 226 8.27 -11.91 -11.06
N THR A 227 9.50 -11.63 -10.59
CA THR A 227 9.94 -10.30 -10.19
C THR A 227 10.17 -9.38 -11.40
N GLY A 228 10.34 -9.99 -12.57
CA GLY A 228 10.54 -9.30 -13.85
C GLY A 228 9.24 -9.02 -14.58
N ALA A 229 8.10 -9.36 -13.96
CA ALA A 229 6.78 -9.12 -14.53
C ALA A 229 6.20 -7.90 -13.81
N SER A 230 5.53 -7.03 -14.57
CA SER A 230 4.93 -5.82 -14.04
C SER A 230 3.64 -6.07 -13.33
N TYR A 231 2.86 -7.03 -13.80
CA TYR A 231 1.51 -7.34 -13.38
C TYR A 231 1.29 -8.74 -12.82
N ILE A 232 0.04 -9.00 -12.47
CA ILE A 232 -0.49 -10.31 -12.13
C ILE A 232 -1.08 -10.74 -13.48
N SER A 233 -0.74 -11.91 -13.95
CA SER A 233 -1.23 -12.37 -15.25
C SER A 233 -1.77 -13.79 -15.20
N GLY A 234 -2.77 -14.03 -16.02
CA GLY A 234 -3.40 -15.33 -16.25
C GLY A 234 -3.48 -15.53 -17.74
N SER A 235 -3.96 -16.71 -18.16
CA SER A 235 -4.19 -17.05 -19.57
C SER A 235 -5.32 -16.16 -20.12
N THR A 236 -5.39 -15.99 -21.46
CA THR A 236 -6.43 -15.20 -22.13
C THR A 236 -7.82 -15.58 -21.62
N SER A 237 -8.08 -16.91 -21.45
CA SER A 237 -9.36 -17.40 -20.96
C SER A 237 -9.66 -16.99 -19.51
N SER A 238 -8.71 -17.25 -18.58
CA SER A 238 -8.81 -16.90 -17.14
C SER A 238 -9.12 -15.40 -16.95
N ILE A 239 -8.34 -14.54 -17.62
CA ILE A 239 -8.47 -13.09 -17.57
C ILE A 239 -9.79 -12.62 -18.19
N GLU A 240 -10.32 -13.35 -19.20
CA GLU A 240 -11.62 -13.00 -19.78
C GLU A 240 -12.74 -13.17 -18.75
N LYS A 241 -12.74 -14.30 -17.99
CA LYS A 241 -13.72 -14.62 -16.94
C LYS A 241 -13.59 -13.62 -15.79
N LEU A 242 -12.34 -13.39 -15.32
CA LEU A 242 -12.00 -12.44 -14.26
C LEU A 242 -12.52 -11.04 -14.56
N MET A 243 -12.25 -10.55 -15.77
CA MET A 243 -12.62 -9.20 -16.19
C MET A 243 -14.11 -9.02 -16.36
N GLU A 244 -14.79 -10.07 -16.86
CA GLU A 244 -16.25 -10.13 -16.99
C GLU A 244 -16.86 -9.93 -15.59
N ALA A 245 -16.30 -10.61 -14.57
CA ALA A 245 -16.72 -10.51 -13.17
C ALA A 245 -16.45 -9.13 -12.56
N LEU A 246 -15.43 -8.42 -13.06
CA LEU A 246 -15.08 -7.08 -12.58
C LEU A 246 -15.87 -5.98 -13.27
N GLY A 247 -16.35 -6.27 -14.50
CA GLY A 247 -17.10 -5.34 -15.34
C GLY A 247 -16.17 -4.46 -16.15
N ALA A 248 -14.95 -4.97 -16.40
CA ALA A 248 -13.87 -4.31 -17.15
C ALA A 248 -13.96 -4.65 -18.63
N LYS A 249 -13.57 -3.67 -19.49
CA LYS A 249 -13.60 -3.79 -20.95
C LYS A 249 -12.19 -3.82 -21.53
N LYS A 250 -11.95 -4.82 -22.42
CA LYS A 250 -10.69 -5.14 -23.13
C LYS A 250 -10.33 -4.14 -24.24
N ARG A 251 -9.14 -3.55 -24.13
CA ARG A 251 -8.56 -2.66 -25.14
C ARG A 251 -7.43 -3.49 -25.79
N LEU A 252 -6.54 -2.88 -26.59
CA LEU A 252 -5.46 -3.64 -27.25
C LEU A 252 -4.43 -4.23 -26.31
N PHE A 253 -3.82 -3.39 -25.44
CA PHE A 253 -2.78 -3.82 -24.52
C PHE A 253 -3.20 -3.98 -23.05
N ASP A 254 -4.49 -3.73 -22.72
CA ASP A 254 -4.99 -3.80 -21.34
C ASP A 254 -6.52 -3.88 -21.26
N TYR A 255 -7.03 -3.90 -20.03
CA TYR A 255 -8.42 -3.86 -19.65
C TYR A 255 -8.61 -2.58 -18.85
N VAL A 256 -9.79 -1.97 -18.95
CA VAL A 256 -10.09 -0.73 -18.24
C VAL A 256 -11.47 -0.74 -17.59
N VAL A 257 -11.66 0.13 -16.62
CA VAL A 257 -12.95 0.39 -16.00
C VAL A 257 -13.05 1.92 -16.08
N LYS A 258 -14.22 2.46 -15.85
CA LYS A 258 -14.42 3.90 -15.77
C LYS A 258 -13.82 4.29 -14.42
N CYS A 259 -13.03 5.36 -14.37
CA CYS A 259 -12.35 5.78 -13.14
C CYS A 259 -13.23 5.89 -11.88
N ASN A 260 -14.50 6.30 -12.02
CA ASN A 260 -15.46 6.39 -10.94
C ASN A 260 -15.77 5.03 -10.30
N GLU A 261 -15.69 3.94 -11.09
CA GLU A 261 -16.01 2.58 -10.59
C GLU A 261 -14.84 1.74 -10.07
N GLY A 262 -13.65 2.32 -10.07
CA GLY A 262 -12.44 1.69 -9.53
C GLY A 262 -12.60 1.33 -8.06
N PRO A 263 -12.91 2.29 -7.16
CA PRO A 263 -13.06 1.93 -5.73
C PRO A 263 -14.14 0.93 -5.35
N THR A 264 -15.17 0.70 -6.22
CA THR A 264 -16.27 -0.25 -5.99
C THR A 264 -15.92 -1.71 -6.37
N LEU A 265 -14.78 -1.93 -7.05
CA LEU A 265 -14.37 -3.26 -7.50
C LEU A 265 -14.09 -4.23 -6.35
N PRO A 266 -14.46 -5.53 -6.50
CA PRO A 266 -14.26 -6.48 -5.39
C PRO A 266 -12.81 -6.88 -5.18
N ASP A 267 -12.53 -7.50 -4.01
CA ASP A 267 -11.21 -8.04 -3.67
C ASP A 267 -10.92 -9.25 -4.54
N ILE A 268 -9.65 -9.51 -4.80
CA ILE A 268 -9.20 -10.68 -5.53
C ILE A 268 -8.25 -11.47 -4.62
N SER A 269 -8.53 -12.75 -4.40
CA SER A 269 -7.73 -13.62 -3.53
C SER A 269 -7.07 -14.73 -4.30
N PHE A 270 -5.87 -15.09 -3.86
CA PHE A 270 -5.06 -16.15 -4.45
C PHE A 270 -4.75 -17.13 -3.35
N HIS A 271 -5.24 -18.37 -3.53
CA HIS A 271 -4.99 -19.40 -2.54
C HIS A 271 -3.66 -20.06 -2.85
N LEU A 272 -2.67 -19.75 -2.02
CA LEU A 272 -1.31 -20.27 -2.15
C LEU A 272 -0.92 -20.93 -0.84
N GLY A 273 -0.45 -22.17 -0.92
CA GLY A 273 -0.05 -22.96 0.23
C GLY A 273 -1.16 -23.04 1.25
N GLY A 274 -0.82 -22.73 2.48
CA GLY A 274 -1.82 -22.71 3.54
C GLY A 274 -2.72 -21.48 3.59
N LYS A 275 -2.29 -20.30 3.06
CA LYS A 275 -3.03 -19.02 3.16
C LYS A 275 -3.73 -18.42 1.93
N GLU A 276 -4.58 -17.38 2.17
CA GLU A 276 -5.31 -16.57 1.16
C GLU A 276 -4.65 -15.20 1.04
N TYR A 277 -4.12 -14.90 -0.14
CA TYR A 277 -3.43 -13.65 -0.44
C TYR A 277 -4.39 -12.70 -1.19
N THR A 278 -4.95 -11.76 -0.42
CA THR A 278 -5.97 -10.82 -0.87
C THR A 278 -5.44 -9.47 -1.30
N LEU A 279 -5.99 -9.00 -2.43
CA LEU A 279 -5.72 -7.71 -3.03
C LEU A 279 -7.03 -6.96 -3.14
N THR A 280 -7.07 -5.69 -2.70
CA THR A 280 -8.26 -4.84 -2.84
C THR A 280 -8.11 -4.07 -4.15
N SER A 281 -9.15 -3.36 -4.59
CA SER A 281 -9.08 -2.56 -5.84
C SER A 281 -7.93 -1.52 -5.81
N ALA A 282 -7.57 -1.03 -4.60
CA ALA A 282 -6.47 -0.08 -4.42
C ALA A 282 -5.14 -0.72 -4.81
N ASP A 283 -5.04 -2.06 -4.68
CA ASP A 283 -3.85 -2.85 -4.98
C ASP A 283 -3.75 -3.22 -6.44
N TYR A 284 -4.85 -3.18 -7.22
CA TYR A 284 -4.81 -3.58 -8.62
C TYR A 284 -5.33 -2.58 -9.67
N VAL A 285 -5.83 -1.40 -9.25
CA VAL A 285 -6.32 -0.40 -10.18
C VAL A 285 -5.32 0.76 -10.18
N PHE A 286 -4.97 1.27 -11.38
CA PHE A 286 -4.12 2.46 -11.50
C PHE A 286 -5.10 3.65 -11.43
N GLN A 287 -5.46 3.99 -10.19
CA GLN A 287 -6.43 5.03 -9.87
C GLN A 287 -5.94 6.44 -10.15
N GLU A 288 -5.82 6.83 -11.43
CA GLU A 288 -5.34 8.17 -11.82
C GLU A 288 -6.30 9.32 -11.51
N SER A 289 -7.61 9.04 -11.37
CA SER A 289 -8.70 9.99 -11.04
C SER A 289 -9.96 9.21 -10.65
N TYR A 290 -11.06 9.94 -10.39
CA TYR A 290 -12.33 9.28 -10.02
C TYR A 290 -13.44 9.74 -10.97
N SER A 291 -13.04 10.26 -12.15
CA SER A 291 -13.94 10.80 -13.16
C SER A 291 -14.74 9.75 -13.89
N SER A 292 -16.04 10.06 -14.11
CA SER A 292 -16.98 9.22 -14.87
C SER A 292 -16.67 9.30 -16.38
N LYS A 293 -15.92 10.34 -16.78
CA LYS A 293 -15.51 10.65 -18.16
C LYS A 293 -14.09 10.13 -18.55
N LYS A 294 -13.42 9.36 -17.65
CA LYS A 294 -12.09 8.83 -17.94
C LYS A 294 -11.98 7.33 -17.66
N LEU A 295 -11.06 6.67 -18.35
CA LEU A 295 -10.82 5.23 -18.22
C LEU A 295 -9.56 4.99 -17.40
N CYS A 296 -9.65 4.02 -16.46
CA CYS A 296 -8.58 3.62 -15.55
C CYS A 296 -8.13 2.20 -15.85
N THR A 297 -6.80 1.98 -15.96
CA THR A 297 -6.21 0.68 -16.27
C THR A 297 -6.05 -0.18 -15.02
N LEU A 298 -6.02 -1.51 -15.21
CA LEU A 298 -5.81 -2.46 -14.13
C LEU A 298 -4.42 -3.03 -14.20
N ALA A 299 -3.86 -3.42 -13.04
CA ALA A 299 -2.53 -4.00 -12.95
C ALA A 299 -2.56 -5.56 -13.08
N ILE A 300 -3.59 -6.09 -13.78
CA ILE A 300 -3.84 -7.51 -14.13
C ILE A 300 -4.03 -7.55 -15.66
N HIS A 301 -3.26 -8.39 -16.32
CA HIS A 301 -3.19 -8.50 -17.79
C HIS A 301 -3.22 -9.97 -18.25
N ALA A 302 -3.73 -10.23 -19.44
CA ALA A 302 -3.71 -11.61 -19.99
C ALA A 302 -2.34 -11.87 -20.59
N MET A 303 -1.77 -13.02 -20.29
CA MET A 303 -0.47 -13.40 -20.82
C MET A 303 -0.47 -14.90 -21.02
N ASP A 304 -0.33 -15.31 -22.27
CA ASP A 304 -0.27 -16.72 -22.59
C ASP A 304 1.19 -17.13 -22.61
N ILE A 305 1.65 -17.65 -21.46
CA ILE A 305 3.01 -18.10 -21.24
C ILE A 305 3.11 -19.50 -21.86
N PRO A 306 3.98 -19.67 -22.88
CA PRO A 306 4.07 -20.95 -23.60
C PRO A 306 4.67 -22.11 -22.80
N PRO A 307 4.48 -23.38 -23.23
CA PRO A 307 5.11 -24.51 -22.51
C PRO A 307 6.64 -24.50 -22.65
N PRO A 308 7.40 -25.18 -21.77
CA PRO A 308 6.98 -26.03 -20.63
C PRO A 308 6.51 -25.28 -19.36
N THR A 309 6.89 -23.99 -19.22
CA THR A 309 6.55 -23.15 -18.07
C THR A 309 5.04 -22.94 -17.96
N GLY A 310 4.43 -22.48 -19.05
CA GLY A 310 3.00 -22.24 -19.13
C GLY A 310 2.21 -23.35 -19.81
N PRO A 311 0.86 -23.29 -19.85
CA PRO A 311 -0.03 -22.28 -19.29
C PRO A 311 0.17 -22.13 -17.78
N THR A 312 0.29 -20.87 -17.32
CA THR A 312 0.49 -20.52 -15.90
C THR A 312 0.07 -19.09 -15.62
N TRP A 313 -0.24 -18.82 -14.35
CA TRP A 313 -0.46 -17.47 -13.85
C TRP A 313 0.93 -16.92 -13.51
N ALA A 314 1.07 -15.62 -13.49
CA ALA A 314 2.32 -15.03 -13.07
C ALA A 314 2.01 -13.95 -12.05
N LEU A 315 2.70 -14.01 -10.90
CA LEU A 315 2.56 -13.03 -9.83
C LEU A 315 3.75 -12.10 -9.90
N GLY A 316 3.53 -10.95 -10.52
CA GLY A 316 4.53 -9.90 -10.71
C GLY A 316 4.48 -8.80 -9.68
N ALA A 317 4.83 -7.55 -10.07
CA ALA A 317 4.95 -6.41 -9.14
C ALA A 317 3.65 -6.00 -8.44
N THR A 318 2.48 -6.29 -9.06
CA THR A 318 1.19 -6.02 -8.45
C THR A 318 1.06 -6.79 -7.10
N PHE A 319 1.44 -8.09 -7.13
CA PHE A 319 1.43 -9.00 -5.99
C PHE A 319 2.56 -8.70 -5.00
N ILE A 320 3.82 -8.52 -5.47
CA ILE A 320 5.02 -8.27 -4.64
C ILE A 320 4.92 -6.95 -3.84
N ARG A 321 4.19 -5.96 -4.38
CA ARG A 321 4.01 -4.70 -3.65
C ARG A 321 3.32 -4.96 -2.31
N LYS A 322 2.33 -5.88 -2.26
CA LYS A 322 1.62 -6.18 -1.01
C LYS A 322 2.38 -7.24 -0.20
N PHE A 323 2.99 -8.21 -0.90
CA PHE A 323 3.67 -9.31 -0.23
C PHE A 323 5.15 -9.38 -0.51
N TYR A 324 5.95 -9.06 0.51
CA TYR A 324 7.41 -9.12 0.53
C TYR A 324 7.73 -10.59 0.26
N THR A 325 8.59 -10.85 -0.74
CA THR A 325 8.90 -12.21 -1.21
C THR A 325 10.33 -12.68 -0.97
N GLU A 326 10.49 -13.87 -0.38
CA GLU A 326 11.79 -14.52 -0.17
C GLU A 326 11.90 -15.77 -1.06
N PHE A 327 12.99 -15.87 -1.84
CA PHE A 327 13.26 -16.99 -2.75
C PHE A 327 14.38 -17.81 -2.12
N ASP A 328 14.02 -19.04 -1.69
CA ASP A 328 14.89 -19.97 -0.98
C ASP A 328 15.49 -21.06 -1.90
N ARG A 329 16.76 -20.90 -2.25
CA ARG A 329 17.46 -21.84 -3.11
C ARG A 329 17.87 -23.10 -2.33
N ARG A 330 18.10 -22.96 -1.02
CA ARG A 330 18.48 -24.08 -0.18
C ARG A 330 17.34 -25.11 -0.04
N ASN A 331 16.10 -24.65 0.17
CA ASN A 331 14.94 -25.53 0.38
C ASN A 331 13.92 -25.62 -0.76
N ASN A 332 14.19 -24.98 -1.92
CA ASN A 332 13.30 -24.91 -3.09
C ASN A 332 11.86 -24.51 -2.71
N ARG A 333 11.76 -23.28 -2.17
CA ARG A 333 10.48 -22.74 -1.71
C ARG A 333 10.48 -21.21 -1.83
N ILE A 334 9.28 -20.61 -1.82
CA ILE A 334 9.05 -19.17 -1.85
C ILE A 334 8.28 -18.79 -0.58
N GLY A 335 8.77 -17.78 0.13
CA GLY A 335 8.12 -17.26 1.32
C GLY A 335 7.49 -15.89 1.09
N PHE A 336 6.29 -15.67 1.64
CA PHE A 336 5.58 -14.39 1.59
C PHE A 336 5.27 -13.86 2.98
N ALA A 337 5.37 -12.56 3.16
CA ALA A 337 5.01 -11.86 4.38
C ALA A 337 4.42 -10.53 3.93
N LEU A 338 3.53 -9.95 4.73
CA LEU A 338 2.92 -8.67 4.42
C LEU A 338 4.00 -7.57 4.41
N ALA A 339 4.10 -6.85 3.28
CA ALA A 339 5.10 -5.80 3.11
C ALA A 339 4.76 -4.55 3.94
N ARG A 340 5.79 -3.96 4.62
CA ARG A 340 5.72 -2.72 5.43
C ARG A 340 6.15 -1.62 4.48
N LEU B 1 0.90 -3.04 32.90
CA LEU B 1 1.33 -2.97 31.51
C LEU B 1 2.68 -3.66 31.25
N THR B 2 2.69 -4.54 30.22
CA THR B 2 3.85 -5.29 29.71
C THR B 2 4.19 -4.71 28.33
N LEU B 3 5.50 -4.51 28.05
CA LEU B 3 5.96 -3.98 26.76
C LEU B 3 6.92 -4.97 26.07
N GLY B 4 6.84 -5.02 24.74
CA GLY B 4 7.66 -5.89 23.91
C GLY B 4 8.62 -5.13 23.02
N ASN B 5 8.86 -5.69 21.81
CA ASN B 5 9.79 -5.24 20.78
C ASN B 5 9.08 -5.21 19.39
N THR B 6 7.74 -5.05 19.39
CA THR B 6 6.92 -5.07 18.18
C THR B 6 6.19 -3.76 17.85
N THR B 7 6.18 -3.45 16.54
CA THR B 7 5.38 -2.40 15.90
C THR B 7 4.60 -3.10 14.81
N SER B 8 3.43 -2.56 14.47
CA SER B 8 2.58 -3.10 13.40
C SER B 8 2.01 -1.97 12.55
N SER B 9 2.23 -2.04 11.26
CA SER B 9 1.70 -0.98 10.40
C SER B 9 0.58 -1.43 9.46
N VAL B 10 -0.32 -0.50 9.16
CA VAL B 10 -1.42 -0.75 8.24
C VAL B 10 -1.37 0.35 7.19
N ILE B 11 -1.17 -0.02 5.91
CA ILE B 11 -1.19 0.96 4.81
C ILE B 11 -2.66 1.37 4.58
N LEU B 12 -2.91 2.66 4.41
CA LEU B 12 -4.24 3.22 4.21
C LEU B 12 -4.45 3.64 2.78
N THR B 13 -5.72 3.69 2.36
CA THR B 13 -6.17 4.16 1.04
C THR B 13 -6.76 5.56 1.26
N ASN B 14 -6.38 6.52 0.42
CA ASN B 14 -6.91 7.87 0.50
C ASN B 14 -7.98 8.04 -0.57
N TYR B 15 -9.25 8.15 -0.16
CA TYR B 15 -10.33 8.41 -1.10
C TYR B 15 -10.69 9.90 -1.08
N MET B 16 -10.31 10.61 -2.16
CA MET B 16 -10.61 12.02 -2.44
C MET B 16 -10.23 13.01 -1.33
N ASP B 17 -9.27 12.67 -0.46
CA ASP B 17 -8.87 13.51 0.69
C ASP B 17 -9.97 13.58 1.77
N THR B 18 -11.07 12.79 1.60
CA THR B 18 -12.17 12.74 2.56
C THR B 18 -12.31 11.45 3.35
N GLN B 19 -11.87 10.31 2.79
CA GLN B 19 -11.98 9.03 3.49
C GLN B 19 -10.67 8.29 3.45
N TYR B 20 -10.16 7.87 4.62
CA TYR B 20 -8.91 7.13 4.76
C TYR B 20 -9.24 5.86 5.48
N TYR B 21 -8.91 4.74 4.85
CA TYR B 21 -9.23 3.43 5.42
C TYR B 21 -8.17 2.39 5.09
N GLY B 22 -8.02 1.42 5.97
CA GLY B 22 -7.09 0.31 5.81
C GLY B 22 -7.78 -1.02 5.86
N GLU B 23 -7.01 -2.11 5.91
CA GLU B 23 -7.59 -3.45 5.94
C GLU B 23 -7.37 -4.20 7.22
N ILE B 24 -8.38 -4.96 7.62
CA ILE B 24 -8.32 -5.90 8.74
C ILE B 24 -8.91 -7.22 8.27
N GLY B 25 -8.56 -8.31 8.94
CA GLY B 25 -9.08 -9.63 8.67
C GLY B 25 -9.82 -10.15 9.89
N ILE B 26 -11.05 -10.63 9.71
CA ILE B 26 -11.83 -11.18 10.82
C ILE B 26 -12.12 -12.65 10.54
N GLY B 27 -11.80 -13.52 11.51
CA GLY B 27 -12.07 -14.96 11.43
C GLY B 27 -10.96 -15.87 10.98
N THR B 28 -11.23 -17.19 10.98
CA THR B 28 -10.33 -18.27 10.52
C THR B 28 -11.05 -19.07 9.42
N PRO B 29 -10.66 -18.95 8.14
CA PRO B 29 -9.60 -18.10 7.57
C PRO B 29 -10.02 -16.62 7.61
N PRO B 30 -9.09 -15.64 7.51
CA PRO B 30 -9.52 -14.23 7.62
C PRO B 30 -10.39 -13.75 6.47
N GLN B 31 -11.48 -13.02 6.80
CA GLN B 31 -12.39 -12.37 5.87
C GLN B 31 -11.94 -10.91 5.96
N THR B 32 -11.51 -10.32 4.83
CA THR B 32 -10.94 -8.96 4.83
C THR B 32 -11.97 -7.85 4.68
N PHE B 33 -11.78 -6.75 5.43
CA PHE B 33 -12.67 -5.60 5.37
C PHE B 33 -11.85 -4.33 5.26
N LYS B 34 -12.40 -3.30 4.55
CA LYS B 34 -11.84 -1.94 4.45
C LYS B 34 -12.45 -1.19 5.66
N VAL B 35 -11.62 -0.72 6.59
CA VAL B 35 -12.08 -0.06 7.83
C VAL B 35 -11.45 1.32 8.08
N VAL B 36 -12.22 2.21 8.72
CA VAL B 36 -11.77 3.54 9.17
C VAL B 36 -11.26 3.36 10.62
N PHE B 37 -10.03 3.83 10.89
CA PHE B 37 -9.42 3.77 12.23
C PHE B 37 -9.76 5.09 12.83
N ASP B 38 -10.74 5.08 13.77
CA ASP B 38 -11.39 6.25 14.36
C ASP B 38 -11.03 6.53 15.82
N THR B 39 -10.29 7.61 16.09
CA THR B 39 -9.96 8.00 17.46
C THR B 39 -11.14 8.67 18.18
N GLY B 40 -12.17 9.05 17.42
CA GLY B 40 -13.38 9.69 17.92
C GLY B 40 -14.48 8.74 18.39
N SER B 41 -14.20 7.39 18.37
CA SER B 41 -15.12 6.31 18.81
C SER B 41 -14.36 5.06 19.26
N SER B 42 -15.03 4.12 19.95
CA SER B 42 -14.35 2.97 20.56
C SER B 42 -14.86 1.60 20.19
N ASN B 43 -15.81 1.53 19.24
CA ASN B 43 -16.38 0.26 18.84
C ASN B 43 -15.87 -0.20 17.49
N VAL B 44 -15.66 -1.53 17.36
CA VAL B 44 -15.28 -2.22 16.12
C VAL B 44 -16.60 -2.77 15.55
N TRP B 45 -16.88 -2.49 14.28
CA TRP B 45 -18.05 -3.00 13.58
C TRP B 45 -17.77 -3.20 12.09
N VAL B 46 -18.42 -4.19 11.49
CA VAL B 46 -18.38 -4.51 10.04
C VAL B 46 -19.80 -4.88 9.62
N PRO B 47 -20.20 -4.74 8.33
CA PRO B 47 -21.53 -5.21 7.93
C PRO B 47 -21.64 -6.75 8.04
N SER B 48 -22.83 -7.26 8.37
CA SER B 48 -23.10 -8.69 8.58
C SER B 48 -23.71 -9.40 7.40
N SER B 49 -23.48 -10.74 7.30
CA SER B 49 -24.09 -11.61 6.29
C SER B 49 -25.62 -11.68 6.57
N LYS B 50 -25.99 -11.38 7.83
CA LYS B 50 -27.36 -11.32 8.37
C LYS B 50 -28.02 -9.95 8.11
N CYS B 51 -27.38 -9.10 7.29
CA CYS B 51 -27.94 -7.80 6.94
C CYS B 51 -28.85 -7.94 5.72
N SER B 52 -30.14 -7.54 5.88
CA SER B 52 -31.19 -7.60 4.85
C SER B 52 -30.76 -6.93 3.54
N ARG B 53 -31.06 -7.59 2.39
CA ARG B 53 -30.75 -7.15 1.02
C ARG B 53 -31.49 -5.85 0.62
N LEU B 54 -32.33 -5.35 1.54
CA LEU B 54 -33.11 -4.14 1.36
C LEU B 54 -32.28 -2.89 1.72
N TYR B 55 -31.36 -2.99 2.71
CA TYR B 55 -30.47 -1.88 3.08
C TYR B 55 -29.44 -1.79 1.98
N THR B 56 -29.68 -0.90 1.00
CA THR B 56 -28.86 -0.68 -0.19
C THR B 56 -27.35 -0.57 0.13
N ALA B 57 -27.00 -0.09 1.33
CA ALA B 57 -25.61 0.00 1.78
C ALA B 57 -25.01 -1.41 1.95
N CYS B 58 -25.76 -2.34 2.56
CA CYS B 58 -25.35 -3.73 2.77
C CYS B 58 -25.06 -4.54 1.52
N VAL B 59 -25.77 -4.26 0.43
CA VAL B 59 -25.56 -4.93 -0.86
C VAL B 59 -24.24 -4.43 -1.48
N TYR B 60 -23.88 -3.16 -1.19
CA TYR B 60 -22.68 -2.51 -1.70
C TYR B 60 -21.37 -2.67 -0.88
N HIS B 61 -21.39 -3.43 0.23
CA HIS B 61 -20.18 -3.65 1.03
C HIS B 61 -19.92 -5.12 1.37
N LYS B 62 -18.68 -5.44 1.82
CA LYS B 62 -18.26 -6.77 2.24
C LYS B 62 -19.01 -7.13 3.54
N LEU B 63 -19.54 -8.36 3.62
CA LEU B 63 -20.29 -8.81 4.79
C LEU B 63 -19.60 -9.92 5.55
N PHE B 64 -19.55 -9.81 6.88
CA PHE B 64 -18.96 -10.88 7.70
C PHE B 64 -19.96 -12.01 7.83
N ASP B 65 -19.49 -13.22 7.48
CA ASP B 65 -20.25 -14.46 7.61
C ASP B 65 -19.60 -15.33 8.68
N ALA B 66 -20.27 -15.44 9.84
CA ALA B 66 -19.82 -16.23 11.00
C ALA B 66 -19.73 -17.75 10.71
N SER B 67 -20.61 -18.27 9.84
CA SER B 67 -20.64 -19.69 9.46
C SER B 67 -19.36 -20.14 8.75
N ASP B 68 -18.61 -19.18 8.15
CA ASP B 68 -17.38 -19.48 7.43
C ASP B 68 -16.13 -19.34 8.32
N SER B 69 -16.33 -19.00 9.60
CA SER B 69 -15.22 -18.82 10.53
C SER B 69 -15.20 -19.85 11.65
N SER B 70 -14.08 -20.57 11.77
CA SER B 70 -13.90 -21.62 12.77
C SER B 70 -13.57 -21.08 14.17
N SER B 71 -13.24 -19.78 14.28
CA SER B 71 -12.88 -19.14 15.54
C SER B 71 -13.98 -18.25 16.15
N TYR B 72 -15.10 -18.10 15.45
CA TYR B 72 -16.23 -17.30 15.90
C TYR B 72 -16.84 -17.80 17.21
N LYS B 73 -17.17 -16.86 18.12
CA LYS B 73 -17.86 -17.13 19.37
C LYS B 73 -19.04 -16.19 19.42
N HIS B 74 -20.25 -16.76 19.51
CA HIS B 74 -21.52 -16.04 19.57
C HIS B 74 -21.64 -15.22 20.87
N ASN B 75 -22.29 -14.03 20.82
CA ASN B 75 -22.60 -13.21 22.01
C ASN B 75 -24.02 -12.64 21.89
N GLY B 76 -24.38 -12.18 20.71
CA GLY B 76 -25.72 -11.69 20.39
C GLY B 76 -26.30 -10.42 21.00
N THR B 77 -25.62 -9.76 21.97
CA THR B 77 -26.09 -8.50 22.59
C THR B 77 -26.42 -7.44 21.52
N GLU B 78 -27.64 -6.86 21.57
CA GLU B 78 -28.01 -5.81 20.62
C GLU B 78 -27.17 -4.54 20.85
N LEU B 79 -26.89 -3.81 19.79
CA LEU B 79 -25.97 -2.67 19.79
C LEU B 79 -26.39 -1.66 18.73
N THR B 80 -26.43 -0.38 19.12
CA THR B 80 -26.73 0.77 18.25
C THR B 80 -25.56 1.75 18.41
N LEU B 81 -24.98 2.20 17.28
CA LEU B 81 -23.83 3.09 17.21
C LEU B 81 -24.17 4.31 16.39
N ARG B 82 -23.96 5.49 16.98
CA ARG B 82 -24.28 6.80 16.41
C ARG B 82 -23.03 7.58 16.01
N TYR B 83 -23.07 8.14 14.80
CA TYR B 83 -21.98 8.91 14.20
C TYR B 83 -22.49 10.28 13.75
N SER B 84 -21.66 11.09 13.10
CA SER B 84 -22.11 12.42 12.70
C SER B 84 -23.31 12.51 11.73
N THR B 85 -23.53 11.57 10.83
CA THR B 85 -24.71 11.76 9.97
C THR B 85 -25.55 10.52 9.92
N GLY B 86 -24.97 9.43 10.39
CA GLY B 86 -25.68 8.16 10.36
C GLY B 86 -25.56 7.34 11.60
N THR B 87 -26.43 6.29 11.69
CA THR B 87 -26.53 5.34 12.79
C THR B 87 -26.59 3.93 12.23
N VAL B 88 -25.91 3.00 12.89
CA VAL B 88 -25.89 1.59 12.54
C VAL B 88 -26.38 0.79 13.73
N SER B 89 -26.99 -0.36 13.46
CA SER B 89 -27.51 -1.26 14.49
C SER B 89 -27.13 -2.69 14.12
N GLY B 90 -26.90 -3.49 15.14
CA GLY B 90 -26.60 -4.90 14.96
C GLY B 90 -26.47 -5.60 16.28
N PHE B 91 -25.63 -6.64 16.32
CA PHE B 91 -25.41 -7.47 17.51
C PHE B 91 -23.93 -7.80 17.67
N LEU B 92 -23.52 -8.09 18.91
CA LEU B 92 -22.14 -8.42 19.24
C LEU B 92 -21.75 -9.83 18.94
N SER B 93 -20.51 -9.99 18.48
CA SER B 93 -19.88 -11.25 18.12
C SER B 93 -18.43 -11.17 18.54
N GLN B 94 -17.77 -12.32 18.67
CA GLN B 94 -16.35 -12.38 19.00
C GLN B 94 -15.67 -13.27 17.98
N ASP B 95 -14.47 -12.86 17.55
CA ASP B 95 -13.62 -13.61 16.64
C ASP B 95 -12.19 -13.05 16.72
N ILE B 96 -11.24 -13.68 16.00
CA ILE B 96 -9.87 -13.23 15.91
C ILE B 96 -9.80 -12.14 14.81
N ILE B 97 -9.15 -11.00 15.13
CA ILE B 97 -8.95 -9.88 14.22
C ILE B 97 -7.47 -9.73 13.91
N THR B 98 -7.14 -9.62 12.62
CA THR B 98 -5.76 -9.48 12.14
C THR B 98 -5.57 -8.03 11.70
N VAL B 99 -4.75 -7.28 12.43
CA VAL B 99 -4.47 -5.88 12.16
C VAL B 99 -2.96 -5.72 12.02
N GLY B 100 -2.52 -5.65 10.76
CA GLY B 100 -1.11 -5.58 10.40
C GLY B 100 -0.44 -6.93 10.62
N GLY B 101 0.43 -7.04 11.59
CA GLY B 101 1.02 -8.34 11.88
C GLY B 101 0.59 -8.87 13.22
N ILE B 102 -0.48 -8.27 13.79
CA ILE B 102 -1.02 -8.58 15.10
C ILE B 102 -2.31 -9.38 14.97
N THR B 103 -2.46 -10.41 15.81
CA THR B 103 -3.64 -11.27 15.88
C THR B 103 -4.24 -11.08 17.28
N VAL B 104 -5.50 -10.62 17.34
CA VAL B 104 -6.15 -10.34 18.63
C VAL B 104 -7.60 -10.82 18.69
N THR B 105 -8.00 -11.43 19.84
CA THR B 105 -9.37 -11.89 20.07
C THR B 105 -10.16 -10.66 20.46
N GLN B 106 -11.12 -10.32 19.62
CA GLN B 106 -11.87 -9.09 19.78
C GLN B 106 -13.35 -9.32 19.65
N MET B 107 -14.10 -8.56 20.45
CA MET B 107 -15.55 -8.49 20.47
C MET B 107 -15.89 -7.30 19.57
N PHE B 108 -16.76 -7.55 18.59
CA PHE B 108 -17.14 -6.54 17.61
C PHE B 108 -18.61 -6.69 17.26
N GLY B 109 -19.19 -5.67 16.66
CA GLY B 109 -20.58 -5.69 16.26
C GLY B 109 -20.73 -6.11 14.83
N GLU B 110 -21.73 -6.98 14.57
CA GLU B 110 -22.13 -7.40 13.23
C GLU B 110 -23.32 -6.49 12.96
N VAL B 111 -23.22 -5.62 11.94
CA VAL B 111 -24.23 -4.63 11.58
C VAL B 111 -25.30 -5.20 10.64
N THR B 112 -26.57 -5.11 11.08
CA THR B 112 -27.74 -5.61 10.33
C THR B 112 -28.63 -4.47 9.81
N GLU B 113 -28.38 -3.22 10.26
CA GLU B 113 -29.10 -2.03 9.79
C GLU B 113 -28.08 -0.96 9.42
N MET B 114 -27.92 -0.75 8.09
CA MET B 114 -26.97 0.17 7.48
C MET B 114 -27.70 1.11 6.50
N PRO B 115 -28.15 2.34 6.92
CA PRO B 115 -28.87 3.21 5.97
C PRO B 115 -28.07 3.71 4.78
N ALA B 116 -28.71 3.67 3.58
CA ALA B 116 -28.15 4.10 2.28
C ALA B 116 -27.58 5.51 2.37
N LEU B 117 -28.21 6.39 3.16
CA LEU B 117 -27.73 7.73 3.44
C LEU B 117 -27.28 7.65 4.92
N PRO B 118 -25.96 7.70 5.23
CA PRO B 118 -24.80 8.02 4.35
C PRO B 118 -23.95 6.85 3.83
N PHE B 119 -24.20 5.62 4.29
CA PHE B 119 -23.39 4.45 3.98
C PHE B 119 -23.20 4.07 2.50
N MET B 120 -23.97 4.68 1.57
CA MET B 120 -23.79 4.47 0.13
C MET B 120 -22.59 5.28 -0.35
N LEU B 121 -22.26 6.38 0.38
CA LEU B 121 -21.12 7.27 0.15
C LEU B 121 -19.84 6.64 0.70
N ALA B 122 -19.98 5.67 1.60
CA ALA B 122 -18.84 5.01 2.23
C ALA B 122 -18.06 4.09 1.27
N GLU B 123 -16.73 4.28 1.19
CA GLU B 123 -15.83 3.45 0.39
C GLU B 123 -15.23 2.35 1.26
N PHE B 124 -15.51 2.47 2.56
CA PHE B 124 -15.08 1.54 3.59
C PHE B 124 -16.28 0.70 3.99
N ASP B 125 -16.01 -0.51 4.54
CA ASP B 125 -17.05 -1.44 5.00
C ASP B 125 -17.45 -1.13 6.43
N GLY B 126 -16.45 -1.07 7.33
CA GLY B 126 -16.68 -0.83 8.74
C GLY B 126 -15.77 0.18 9.42
N VAL B 127 -15.75 0.12 10.75
CA VAL B 127 -15.02 1.05 11.61
C VAL B 127 -14.30 0.28 12.70
N VAL B 128 -13.07 0.72 13.01
CA VAL B 128 -12.25 0.25 14.11
C VAL B 128 -12.04 1.48 15.03
N GLY B 129 -12.71 1.45 16.18
CA GLY B 129 -12.65 2.54 17.15
C GLY B 129 -11.34 2.50 17.92
N MET B 130 -10.60 3.64 17.86
CA MET B 130 -9.29 3.82 18.50
C MET B 130 -9.38 4.62 19.81
N GLY B 131 -10.60 4.90 20.26
CA GLY B 131 -10.87 5.63 21.49
C GLY B 131 -10.76 4.79 22.76
N PHE B 132 -11.14 5.39 23.91
CA PHE B 132 -11.09 4.76 25.23
C PHE B 132 -12.40 4.00 25.57
N ILE B 133 -12.30 2.99 26.47
CA ILE B 133 -13.44 2.20 26.95
C ILE B 133 -14.66 3.04 27.44
N GLU B 134 -14.42 4.25 27.99
CA GLU B 134 -15.42 5.19 28.47
C GLU B 134 -16.44 5.55 27.40
N GLN B 135 -16.00 5.60 26.14
CA GLN B 135 -16.94 5.95 25.07
C GLN B 135 -17.46 4.74 24.26
N ALA B 136 -17.10 3.53 24.69
CA ALA B 136 -17.52 2.29 24.06
C ALA B 136 -18.95 1.88 24.43
N ILE B 137 -19.78 1.61 23.41
CA ILE B 137 -21.15 1.17 23.62
C ILE B 137 -21.13 -0.28 24.08
N GLY B 138 -21.79 -0.52 25.20
CA GLY B 138 -21.84 -1.81 25.88
C GLY B 138 -20.61 -2.05 26.72
N ARG B 139 -19.79 -1.00 26.97
CA ARG B 139 -18.54 -1.04 27.74
C ARG B 139 -17.59 -2.15 27.25
N VAL B 140 -17.63 -2.44 25.93
CA VAL B 140 -16.84 -3.47 25.26
C VAL B 140 -15.38 -3.01 25.17
N THR B 141 -14.44 -3.90 25.55
CA THR B 141 -13.01 -3.60 25.52
C THR B 141 -12.57 -3.19 24.07
N PRO B 142 -12.05 -1.94 23.88
CA PRO B 142 -11.60 -1.55 22.53
C PRO B 142 -10.37 -2.35 22.12
N ILE B 143 -10.18 -2.54 20.81
CA ILE B 143 -9.07 -3.32 20.22
C ILE B 143 -7.69 -2.97 20.76
N PHE B 144 -7.39 -1.64 20.91
CA PHE B 144 -6.06 -1.23 21.38
C PHE B 144 -5.79 -1.70 22.80
N ASP B 145 -6.82 -1.65 23.68
CA ASP B 145 -6.75 -2.15 25.07
C ASP B 145 -6.42 -3.66 25.05
N ASN B 146 -7.05 -4.42 24.15
CA ASN B 146 -6.75 -5.84 23.97
C ASN B 146 -5.33 -6.09 23.40
N ILE B 147 -4.85 -5.21 22.49
CA ILE B 147 -3.49 -5.30 21.91
C ILE B 147 -2.44 -5.00 22.99
N ILE B 148 -2.66 -3.93 23.81
CA ILE B 148 -1.78 -3.55 24.94
C ILE B 148 -1.63 -4.77 25.87
N SER B 149 -2.75 -5.42 26.23
CA SER B 149 -2.79 -6.59 27.13
C SER B 149 -1.88 -7.75 26.71
N GLN B 150 -1.60 -7.90 25.38
CA GLN B 150 -0.74 -8.96 24.84
C GLN B 150 0.73 -8.78 25.21
N GLY B 151 1.14 -7.55 25.50
CA GLY B 151 2.52 -7.21 25.87
C GLY B 151 3.54 -7.40 24.78
N VAL B 152 3.17 -7.08 23.54
CA VAL B 152 4.03 -7.23 22.36
C VAL B 152 4.59 -5.90 21.82
N LEU B 153 3.80 -4.81 21.94
CA LEU B 153 4.14 -3.47 21.44
C LEU B 153 5.34 -2.83 22.13
N LYS B 154 6.20 -2.10 21.38
CA LYS B 154 7.38 -1.44 21.93
C LYS B 154 6.92 -0.38 22.92
N GLU B 155 5.86 0.35 22.56
CA GLU B 155 5.32 1.45 23.33
C GLU B 155 3.83 1.43 23.21
N ASP B 156 3.16 1.84 24.26
CA ASP B 156 1.70 1.86 24.39
C ASP B 156 1.13 3.15 23.69
N VAL B 157 1.45 3.26 22.36
CA VAL B 157 1.14 4.37 21.47
C VAL B 157 0.77 3.89 20.05
N PHE B 158 0.12 4.75 19.27
CA PHE B 158 -0.22 4.49 17.86
C PHE B 158 -0.21 5.81 17.08
N SER B 159 0.26 5.75 15.82
CA SER B 159 0.46 6.94 14.99
C SER B 159 -0.26 6.90 13.68
N PHE B 160 -0.64 8.10 13.21
CA PHE B 160 -1.36 8.34 11.96
C PHE B 160 -0.61 9.25 11.03
N TYR B 161 -0.54 8.83 9.76
CA TYR B 161 -0.01 9.55 8.62
C TYR B 161 -1.10 9.54 7.55
N TYR B 162 -1.52 10.73 7.11
CA TYR B 162 -2.53 10.88 6.05
C TYR B 162 -1.84 11.65 4.95
N ASN B 163 -1.72 11.06 3.77
CA ASN B 163 -1.09 11.71 2.63
C ASN B 163 -2.11 12.64 1.94
N ARG B 164 -1.65 13.45 0.96
CA ARG B 164 -2.49 14.36 0.15
C ARG B 164 -2.77 13.68 -1.20
N ASP B 165 -3.98 13.83 -1.76
CA ASP B 165 -4.25 13.18 -3.06
C ASP B 165 -3.58 13.91 -4.23
N SER B 166 -3.14 13.12 -5.24
CA SER B 166 -2.49 13.59 -6.48
C SER B 166 -2.70 12.58 -7.63
N GLN B 170 -1.37 7.85 -6.91
CA GLN B 170 -0.24 7.05 -7.43
C GLN B 170 0.49 6.21 -6.38
N SER B 171 0.62 6.71 -5.13
CA SER B 171 1.35 6.09 -4.01
C SER B 171 0.49 6.01 -2.75
N LEU B 172 1.16 5.77 -1.60
CA LEU B 172 0.64 5.61 -0.25
C LEU B 172 -0.45 6.62 0.13
N GLY B 173 -1.62 6.10 0.51
CA GLY B 173 -2.73 6.93 0.95
C GLY B 173 -2.54 7.42 2.37
N GLY B 174 -1.85 6.63 3.16
CA GLY B 174 -1.57 6.91 4.56
C GLY B 174 -1.04 5.69 5.26
N GLN B 175 -0.80 5.79 6.57
CA GLN B 175 -0.23 4.71 7.36
C GLN B 175 -0.56 4.86 8.84
N ILE B 176 -0.90 3.74 9.48
CA ILE B 176 -1.11 3.65 10.92
C ILE B 176 0.00 2.75 11.46
N VAL B 177 0.65 3.18 12.55
CA VAL B 177 1.68 2.39 13.21
C VAL B 177 1.14 2.11 14.60
N LEU B 178 1.10 0.83 15.00
CA LEU B 178 0.71 0.40 16.35
C LEU B 178 1.98 0.07 17.11
N GLY B 179 2.19 0.73 18.26
CA GLY B 179 3.38 0.51 19.08
C GLY B 179 4.50 1.49 18.86
N GLY B 180 4.29 2.48 17.99
CA GLY B 180 5.30 3.48 17.67
C GLY B 180 4.89 4.47 16.60
N SER B 181 5.91 5.03 15.91
CA SER B 181 5.76 6.00 14.83
C SER B 181 6.74 5.69 13.70
N ASP B 182 6.53 6.29 12.52
CA ASP B 182 7.41 6.08 11.36
C ASP B 182 8.10 7.38 10.99
N PRO B 183 9.43 7.48 11.24
CA PRO B 183 10.15 8.73 10.95
C PRO B 183 10.24 9.10 9.47
N GLN B 184 9.98 8.14 8.55
CA GLN B 184 9.99 8.45 7.11
C GLN B 184 8.86 9.44 6.76
N HIS B 185 7.80 9.53 7.62
CA HIS B 185 6.65 10.38 7.39
C HIS B 185 6.52 11.68 8.20
N TYR B 186 7.51 11.98 9.04
CA TYR B 186 7.53 13.23 9.80
C TYR B 186 8.93 13.87 9.84
N GLU B 187 8.97 15.15 10.22
CA GLU B 187 10.15 15.98 10.35
C GLU B 187 10.25 16.53 11.74
N GLY B 188 11.50 16.60 12.20
CA GLY B 188 11.85 17.11 13.51
C GLY B 188 11.38 16.19 14.61
N ASN B 189 11.02 16.77 15.75
CA ASN B 189 10.57 16.03 16.92
C ASN B 189 9.12 16.36 17.24
N PHE B 190 8.49 15.44 17.94
CA PHE B 190 7.13 15.58 18.42
C PHE B 190 7.09 16.57 19.58
N HIS B 191 6.01 17.34 19.67
CA HIS B 191 5.71 18.20 20.79
C HIS B 191 4.35 17.66 21.17
N TYR B 192 4.16 17.38 22.45
CA TYR B 192 2.95 16.80 23.02
C TYR B 192 2.06 17.80 23.73
N ILE B 193 0.78 17.48 23.84
CA ILE B 193 -0.30 18.25 24.49
C ILE B 193 -1.09 17.21 25.27
N ASN B 194 -1.12 17.38 26.60
CA ASN B 194 -1.80 16.46 27.53
C ASN B 194 -3.30 16.51 27.34
N LEU B 195 -3.97 15.36 27.53
CA LEU B 195 -5.42 15.28 27.43
C LEU B 195 -6.03 16.01 28.65
N ILE B 196 -7.22 16.60 28.49
CA ILE B 196 -7.89 17.28 29.60
C ILE B 196 -8.26 16.26 30.68
N LYS B 197 -8.75 15.10 30.24
CA LYS B 197 -9.15 13.98 31.07
C LYS B 197 -9.07 12.72 30.23
N THR B 198 -8.82 11.58 30.88
CA THR B 198 -8.78 10.30 30.20
C THR B 198 -10.22 9.94 29.75
N GLY B 199 -10.31 9.04 28.77
CA GLY B 199 -11.60 8.60 28.26
C GLY B 199 -11.94 9.15 26.91
N VAL B 200 -11.30 10.28 26.51
CA VAL B 200 -11.54 10.92 25.22
C VAL B 200 -10.22 11.56 24.70
N TRP B 201 -9.95 11.47 23.37
CA TRP B 201 -8.76 12.05 22.74
C TRP B 201 -9.02 13.54 22.47
N GLN B 202 -9.23 14.29 23.57
CA GLN B 202 -9.59 15.71 23.53
C GLN B 202 -8.61 16.53 24.34
N ILE B 203 -8.17 17.64 23.75
CA ILE B 203 -7.17 18.54 24.32
C ILE B 203 -7.74 19.95 24.43
N GLN B 204 -7.06 20.80 25.21
CA GLN B 204 -7.44 22.19 25.39
C GLN B 204 -6.76 22.97 24.25
N MET B 205 -7.56 23.82 23.58
CA MET B 205 -7.07 24.71 22.53
C MET B 205 -7.09 26.14 23.09
N LYS B 206 -5.95 26.83 23.01
CA LYS B 206 -5.77 28.18 23.59
C LYS B 206 -6.25 29.35 22.71
N GLY B 207 -6.49 29.11 21.43
CA GLY B 207 -6.95 30.12 20.49
C GLY B 207 -6.78 29.74 19.04
N VAL B 208 -7.60 30.35 18.16
CA VAL B 208 -7.60 30.15 16.72
C VAL B 208 -7.38 31.51 16.04
N SER B 209 -6.25 31.64 15.30
CA SER B 209 -5.85 32.85 14.60
C SER B 209 -6.12 32.81 13.11
N VAL B 210 -6.71 33.89 12.57
CA VAL B 210 -6.90 34.05 11.13
C VAL B 210 -5.95 35.21 10.82
N GLY B 211 -4.78 34.85 10.33
CA GLY B 211 -3.68 35.77 10.11
C GLY B 211 -2.78 35.76 11.33
N SER B 212 -2.48 36.96 11.88
CA SER B 212 -1.62 37.10 13.08
C SER B 212 -2.41 37.34 14.37
N SER B 213 -3.65 37.83 14.22
CA SER B 213 -4.56 38.19 15.29
C SER B 213 -5.50 37.02 15.69
N THR B 214 -5.50 36.66 17.00
CA THR B 214 -6.38 35.61 17.56
C THR B 214 -7.84 36.06 17.47
N LEU B 215 -8.46 35.71 16.35
CA LEU B 215 -9.82 36.04 16.01
C LEU B 215 -10.85 35.23 16.82
N LEU B 216 -10.56 33.96 17.08
CA LEU B 216 -11.45 33.02 17.73
C LEU B 216 -10.81 32.23 18.86
N CYS B 217 -11.65 31.56 19.70
CA CYS B 217 -11.24 30.71 20.81
C CYS B 217 -10.29 31.47 21.80
N GLU B 218 -10.51 32.80 21.98
CA GLU B 218 -9.71 33.71 22.82
C GLU B 218 -9.72 33.32 24.28
N ASP B 219 -10.89 32.88 24.79
CA ASP B 219 -11.03 32.47 26.19
C ASP B 219 -10.83 30.97 26.41
N GLY B 220 -10.28 30.30 25.40
CA GLY B 220 -10.01 28.87 25.41
C GLY B 220 -11.19 28.04 24.97
N CYS B 221 -10.91 26.90 24.36
CA CYS B 221 -11.93 25.97 23.88
C CYS B 221 -11.40 24.55 23.76
N LEU B 222 -12.27 23.60 23.38
CA LEU B 222 -11.89 22.19 23.29
C LEU B 222 -11.55 21.78 21.87
N ALA B 223 -10.65 20.80 21.74
CA ALA B 223 -10.25 20.24 20.46
C ALA B 223 -10.18 18.72 20.50
N LEU B 224 -11.12 18.08 19.82
CA LEU B 224 -11.15 16.63 19.67
C LEU B 224 -10.23 16.29 18.47
N VAL B 225 -9.21 15.45 18.68
CA VAL B 225 -8.30 15.03 17.61
C VAL B 225 -8.89 13.73 17.05
N ASP B 226 -9.72 13.89 15.99
CA ASP B 226 -10.49 12.81 15.36
C ASP B 226 -9.98 12.33 14.01
N THR B 227 -9.41 11.12 13.99
CA THR B 227 -8.88 10.48 12.79
C THR B 227 -10.00 10.00 11.87
N GLY B 228 -11.20 9.83 12.43
CA GLY B 228 -12.39 9.40 11.72
C GLY B 228 -13.20 10.55 11.15
N ALA B 229 -12.73 11.81 11.32
CA ALA B 229 -13.36 13.03 10.79
C ALA B 229 -12.61 13.46 9.52
N SER B 230 -13.35 13.94 8.52
CA SER B 230 -12.75 14.34 7.23
C SER B 230 -12.05 15.70 7.27
N TYR B 231 -12.62 16.63 8.01
CA TYR B 231 -12.22 18.03 8.05
C TYR B 231 -11.79 18.54 9.42
N ILE B 232 -11.50 19.85 9.47
CA ILE B 232 -11.30 20.62 10.68
C ILE B 232 -12.72 21.20 10.87
N SER B 233 -13.29 21.02 12.05
CA SER B 233 -14.63 21.51 12.29
C SER B 233 -14.75 22.28 13.58
N GLY B 234 -15.61 23.28 13.54
CA GLY B 234 -15.98 24.11 14.67
C GLY B 234 -17.50 24.12 14.70
N SER B 235 -18.07 24.76 15.71
CA SER B 235 -19.53 24.94 15.85
C SER B 235 -20.01 25.87 14.71
N THR B 236 -21.34 25.84 14.38
CA THR B 236 -21.94 26.68 13.36
C THR B 236 -21.52 28.16 13.52
N SER B 237 -21.51 28.63 14.78
CA SER B 237 -21.13 30.02 15.10
C SER B 237 -19.64 30.30 14.80
N SER B 238 -18.72 29.48 15.32
CA SER B 238 -17.27 29.60 15.12
C SER B 238 -16.91 29.66 13.63
N ILE B 239 -17.44 28.70 12.83
CA ILE B 239 -17.25 28.60 11.39
C ILE B 239 -17.85 29.80 10.64
N GLU B 240 -18.96 30.39 11.15
CA GLU B 240 -19.53 31.58 10.54
C GLU B 240 -18.57 32.77 10.64
N LYS B 241 -17.96 32.99 11.84
CA LYS B 241 -16.98 34.05 12.11
C LYS B 241 -15.72 33.84 11.28
N LEU B 242 -15.18 32.61 11.30
CA LEU B 242 -13.99 32.19 10.56
C LEU B 242 -14.14 32.48 9.06
N MET B 243 -15.28 32.05 8.47
CA MET B 243 -15.54 32.20 7.04
C MET B 243 -15.72 33.65 6.63
N GLU B 244 -16.38 34.45 7.50
CA GLU B 244 -16.58 35.88 7.31
C GLU B 244 -15.20 36.54 7.19
N ALA B 245 -14.25 36.16 8.08
CA ALA B 245 -12.86 36.64 8.08
C ALA B 245 -12.08 36.21 6.84
N LEU B 246 -12.43 35.05 6.24
CA LEU B 246 -11.76 34.54 5.05
C LEU B 246 -12.32 35.15 3.75
N GLY B 247 -13.58 35.60 3.80
CA GLY B 247 -14.28 36.15 2.64
C GLY B 247 -14.99 35.06 1.86
N ALA B 248 -15.16 33.87 2.50
CA ALA B 248 -15.83 32.71 1.94
C ALA B 248 -17.34 32.84 2.10
N LYS B 249 -18.08 32.35 1.11
CA LYS B 249 -19.55 32.41 1.07
C LYS B 249 -20.15 31.03 1.11
N LYS B 250 -21.33 30.86 1.72
CA LYS B 250 -22.00 29.56 1.65
C LYS B 250 -22.77 29.51 0.30
N ARG B 251 -22.44 28.55 -0.62
CA ARG B 251 -23.23 28.52 -1.85
C ARG B 251 -24.64 28.00 -1.58
N LEU B 252 -24.79 26.68 -1.47
CA LEU B 252 -26.07 26.05 -1.15
C LEU B 252 -25.87 25.09 -0.02
N PHE B 253 -24.70 24.44 0.00
CA PHE B 253 -24.40 23.43 1.02
C PHE B 253 -23.12 23.76 1.78
N ASP B 254 -22.03 24.09 1.03
CA ASP B 254 -20.70 24.34 1.58
C ASP B 254 -20.16 25.74 1.37
N TYR B 255 -19.02 26.04 2.04
CA TYR B 255 -18.40 27.35 1.92
C TYR B 255 -17.45 27.33 0.75
N VAL B 256 -17.44 28.41 -0.04
CA VAL B 256 -16.56 28.51 -1.21
C VAL B 256 -15.87 29.87 -1.33
N VAL B 257 -14.81 29.88 -2.16
CA VAL B 257 -14.00 31.02 -2.59
C VAL B 257 -13.75 30.85 -4.13
N LYS B 258 -13.44 31.96 -4.83
CA LYS B 258 -13.09 31.86 -6.25
C LYS B 258 -11.76 31.08 -6.23
N CYS B 259 -11.60 30.10 -7.14
CA CYS B 259 -10.38 29.27 -7.18
C CYS B 259 -9.08 30.06 -7.26
N ASN B 260 -9.04 31.16 -8.04
CA ASN B 260 -7.86 32.03 -8.19
C ASN B 260 -7.50 32.75 -6.90
N GLU B 261 -8.53 33.16 -6.11
CA GLU B 261 -8.43 33.90 -4.84
C GLU B 261 -7.83 33.05 -3.72
N GLY B 262 -7.99 31.73 -3.80
CA GLY B 262 -7.51 30.76 -2.83
C GLY B 262 -6.11 31.06 -2.32
N PRO B 263 -5.10 31.20 -3.22
CA PRO B 263 -3.73 31.54 -2.77
C PRO B 263 -3.56 32.82 -1.95
N THR B 264 -4.55 33.76 -2.03
CA THR B 264 -4.54 35.02 -1.26
C THR B 264 -5.10 34.90 0.16
N LEU B 265 -5.73 33.75 0.49
CA LEU B 265 -6.34 33.54 1.80
C LEU B 265 -5.28 33.46 2.92
N PRO B 266 -5.55 34.04 4.10
CA PRO B 266 -4.53 34.02 5.17
C PRO B 266 -4.34 32.64 5.81
N ASP B 267 -3.23 32.49 6.54
CA ASP B 267 -2.93 31.29 7.30
C ASP B 267 -3.90 31.17 8.48
N ILE B 268 -4.17 29.94 8.91
CA ILE B 268 -5.02 29.65 10.07
C ILE B 268 -4.17 28.92 11.07
N SER B 269 -4.10 29.43 12.31
CA SER B 269 -3.29 28.85 13.37
C SER B 269 -4.14 28.34 14.50
N PHE B 270 -3.71 27.23 15.10
CA PHE B 270 -4.36 26.58 16.22
C PHE B 270 -3.32 26.52 17.35
N HIS B 271 -3.61 27.21 18.46
CA HIS B 271 -2.72 27.28 19.62
C HIS B 271 -2.94 26.04 20.54
N LEU B 272 -1.98 25.11 20.53
CA LEU B 272 -2.01 23.87 21.28
C LEU B 272 -0.66 23.69 21.96
N GLY B 273 -0.66 23.53 23.29
CA GLY B 273 0.53 23.34 24.11
C GLY B 273 1.56 24.45 24.03
N GLY B 274 1.07 25.69 23.96
CA GLY B 274 1.95 26.86 23.85
C GLY B 274 2.68 26.98 22.51
N LYS B 275 2.45 26.01 21.58
CA LYS B 275 2.99 25.98 20.21
C LYS B 275 1.86 26.42 19.24
N GLU B 276 2.20 26.85 18.01
CA GLU B 276 1.22 27.30 17.03
C GLU B 276 1.25 26.41 15.81
N TYR B 277 0.10 25.76 15.53
CA TYR B 277 -0.06 24.84 14.40
C TYR B 277 -0.77 25.56 13.26
N THR B 278 0.06 25.98 12.29
CA THR B 278 -0.31 26.79 11.14
C THR B 278 -0.61 26.00 9.88
N LEU B 279 -1.73 26.37 9.25
CA LEU B 279 -2.17 25.81 7.97
C LEU B 279 -2.23 26.99 7.01
N THR B 280 -1.68 26.81 5.80
CA THR B 280 -1.76 27.85 4.76
C THR B 280 -2.98 27.52 3.92
N SER B 281 -3.39 28.44 3.00
CA SER B 281 -4.55 28.19 2.13
C SER B 281 -4.41 26.89 1.31
N ALA B 282 -3.17 26.49 0.98
CA ALA B 282 -2.87 25.26 0.25
C ALA B 282 -3.29 24.02 1.08
N ASP B 283 -3.28 24.15 2.42
CA ASP B 283 -3.62 23.10 3.35
C ASP B 283 -5.12 23.00 3.62
N TYR B 284 -5.89 24.06 3.36
CA TYR B 284 -7.33 24.03 3.64
C TYR B 284 -8.30 24.34 2.50
N VAL B 285 -7.78 24.68 1.30
CA VAL B 285 -8.62 24.91 0.14
C VAL B 285 -8.47 23.70 -0.80
N PHE B 286 -9.60 23.16 -1.30
CA PHE B 286 -9.55 22.10 -2.28
C PHE B 286 -9.36 22.78 -3.63
N GLN B 287 -8.10 23.02 -3.97
CA GLN B 287 -7.68 23.73 -5.15
C GLN B 287 -7.80 22.86 -6.42
N GLU B 288 -9.07 22.55 -6.84
CA GLU B 288 -9.40 21.74 -8.03
C GLU B 288 -8.92 22.44 -9.30
N SER B 289 -8.86 23.79 -9.24
CA SER B 289 -8.31 24.70 -10.26
C SER B 289 -7.83 25.95 -9.57
N TYR B 290 -7.21 26.85 -10.33
CA TYR B 290 -6.77 28.16 -9.88
C TYR B 290 -7.45 29.22 -10.78
N SER B 291 -8.57 28.79 -11.41
CA SER B 291 -9.37 29.60 -12.33
C SER B 291 -10.18 30.71 -11.64
N SER B 292 -10.19 31.89 -12.25
CA SER B 292 -10.96 33.06 -11.84
C SER B 292 -12.47 32.85 -12.13
N LYS B 293 -12.77 31.90 -13.03
CA LYS B 293 -14.09 31.50 -13.52
C LYS B 293 -14.74 30.31 -12.77
N LYS B 294 -14.09 29.78 -11.71
CA LYS B 294 -14.63 28.65 -10.93
C LYS B 294 -14.62 28.88 -9.42
N LEU B 295 -15.50 28.17 -8.68
CA LEU B 295 -15.59 28.20 -7.22
C LEU B 295 -14.94 26.96 -6.60
N CYS B 296 -14.15 27.18 -5.53
CA CYS B 296 -13.40 26.15 -4.81
C CYS B 296 -13.90 25.99 -3.38
N THR B 297 -14.06 24.74 -2.91
CA THR B 297 -14.52 24.40 -1.56
C THR B 297 -13.41 24.37 -0.53
N LEU B 298 -13.77 24.54 0.76
CA LEU B 298 -12.76 24.52 1.84
C LEU B 298 -12.84 23.20 2.64
N ALA B 299 -11.71 22.77 3.24
CA ALA B 299 -11.62 21.55 4.04
C ALA B 299 -11.89 21.81 5.54
N ILE B 300 -12.67 22.89 5.82
CA ILE B 300 -13.14 23.33 7.13
C ILE B 300 -14.68 23.45 7.00
N HIS B 301 -15.39 22.74 7.88
CA HIS B 301 -16.85 22.62 7.88
C HIS B 301 -17.44 22.84 9.26
N ALA B 302 -18.67 23.36 9.32
CA ALA B 302 -19.36 23.52 10.61
C ALA B 302 -19.90 22.15 11.06
N MET B 303 -19.58 21.75 12.30
CA MET B 303 -20.07 20.50 12.89
C MET B 303 -20.44 20.79 14.32
N ASP B 304 -21.71 20.62 14.65
CA ASP B 304 -22.18 20.83 16.02
C ASP B 304 -22.19 19.46 16.70
N ILE B 305 -21.16 19.20 17.49
CA ILE B 305 -20.99 17.94 18.21
C ILE B 305 -21.74 18.08 19.55
N PRO B 306 -22.67 17.13 19.84
CA PRO B 306 -23.47 17.26 21.08
C PRO B 306 -22.72 16.93 22.39
N PRO B 307 -23.26 17.30 23.59
CA PRO B 307 -22.59 16.93 24.84
C PRO B 307 -22.67 15.42 25.09
N PRO B 308 -21.80 14.82 25.95
CA PRO B 308 -20.76 15.46 26.79
C PRO B 308 -19.47 15.88 26.07
N THR B 309 -19.19 15.30 24.88
CA THR B 309 -17.98 15.56 24.09
C THR B 309 -17.94 17.02 23.61
N GLY B 310 -19.02 17.47 22.97
CA GLY B 310 -19.15 18.83 22.48
C GLY B 310 -19.97 19.75 23.36
N PRO B 311 -20.09 21.06 23.02
CA PRO B 311 -19.48 21.79 21.89
C PRO B 311 -17.96 21.67 21.93
N THR B 312 -17.36 21.38 20.75
CA THR B 312 -15.92 21.22 20.56
C THR B 312 -15.54 21.40 19.10
N TRP B 313 -14.26 21.73 18.87
CA TRP B 313 -13.67 21.74 17.55
C TRP B 313 -13.21 20.30 17.31
N ALA B 314 -13.08 19.92 16.05
CA ALA B 314 -12.55 18.60 15.76
C ALA B 314 -11.46 18.78 14.71
N LEU B 315 -10.30 18.18 14.97
CA LEU B 315 -9.15 18.23 14.08
C LEU B 315 -9.08 16.88 13.39
N GLY B 316 -9.64 16.85 12.18
CA GLY B 316 -9.71 15.65 11.34
C GLY B 316 -8.59 15.59 10.33
N ALA B 317 -8.88 14.95 9.17
CA ALA B 317 -7.90 14.73 8.10
C ALA B 317 -7.16 15.98 7.63
N THR B 318 -7.87 17.15 7.50
CA THR B 318 -7.27 18.44 7.07
C THR B 318 -6.03 18.81 7.89
N PHE B 319 -6.13 18.65 9.25
CA PHE B 319 -5.08 18.91 10.22
C PHE B 319 -4.01 17.83 10.20
N ILE B 320 -4.41 16.52 10.18
CA ILE B 320 -3.49 15.36 10.18
C ILE B 320 -2.62 15.31 8.92
N ARG B 321 -3.12 15.81 7.79
CA ARG B 321 -2.31 15.81 6.57
C ARG B 321 -1.10 16.70 6.77
N LYS B 322 -1.26 17.79 7.53
CA LYS B 322 -0.21 18.74 7.85
C LYS B 322 0.69 18.24 8.98
N PHE B 323 0.08 17.68 10.02
CA PHE B 323 0.76 17.23 11.22
C PHE B 323 0.56 15.76 11.51
N TYR B 324 1.67 15.01 11.38
CA TYR B 324 1.76 13.59 11.69
C TYR B 324 1.41 13.50 13.19
N THR B 325 0.43 12.63 13.54
CA THR B 325 -0.10 12.52 14.90
C THR B 325 0.19 11.22 15.63
N GLU B 326 0.72 11.34 16.86
CA GLU B 326 0.96 10.18 17.75
C GLU B 326 0.00 10.25 18.95
N PHE B 327 -0.72 9.16 19.21
CA PHE B 327 -1.67 9.05 20.32
C PHE B 327 -1.03 8.17 21.40
N ASP B 328 -0.70 8.80 22.55
CA ASP B 328 0.00 8.18 23.66
C ASP B 328 -0.93 7.72 24.79
N ARG B 329 -1.19 6.42 24.86
CA ARG B 329 -2.08 5.86 25.89
C ARG B 329 -1.37 5.77 27.25
N ARG B 330 -0.03 5.61 27.23
CA ARG B 330 0.75 5.54 28.45
C ARG B 330 0.71 6.85 29.23
N ASN B 331 0.87 8.01 28.55
CA ASN B 331 0.94 9.30 29.20
C ASN B 331 -0.27 10.23 29.02
N ASN B 332 -1.36 9.76 28.37
CA ASN B 332 -2.59 10.51 28.08
C ASN B 332 -2.27 11.86 27.43
N ARG B 333 -1.66 11.76 26.25
CA ARG B 333 -1.23 12.93 25.49
C ARG B 333 -1.23 12.64 23.99
N ILE B 334 -1.25 13.70 23.17
CA ILE B 334 -1.19 13.61 21.72
C ILE B 334 0.05 14.37 21.27
N GLY B 335 0.88 13.73 20.43
CA GLY B 335 2.06 14.34 19.85
C GLY B 335 1.90 14.70 18.39
N PHE B 336 2.42 15.88 17.99
CA PHE B 336 2.40 16.35 16.62
C PHE B 336 3.82 16.65 16.12
N ALA B 337 4.07 16.36 14.85
CA ALA B 337 5.32 16.67 14.15
C ALA B 337 4.89 16.98 12.73
N LEU B 338 5.66 17.82 12.02
CA LEU B 338 5.36 18.19 10.65
C LEU B 338 5.46 16.96 9.74
N ALA B 339 4.39 16.66 8.99
CA ALA B 339 4.33 15.49 8.11
C ALA B 339 5.18 15.67 6.84
N ARG B 340 5.68 14.52 6.30
CA ARG B 340 6.47 14.40 5.06
C ARG B 340 5.80 13.39 4.07
C1 NAG C . 32.15 -20.01 -24.13
C2 NAG C . 33.37 -20.82 -24.61
C3 NAG C . 33.15 -22.32 -24.40
C4 NAG C . 32.75 -22.60 -22.96
C5 NAG C . 31.49 -21.80 -22.63
C6 NAG C . 31.00 -21.96 -21.22
C7 NAG C . 34.79 -19.83 -26.37
C8 NAG C . 35.00 -19.69 -27.85
N2 NAG C . 33.70 -20.54 -26.00
O3 NAG C . 34.33 -23.05 -24.75
O4 NAG C . 32.57 -24.00 -22.75
O5 NAG C . 31.77 -20.40 -22.81
O6 NAG C . 29.78 -21.27 -21.02
O7 NAG C . 35.56 -19.33 -25.55
C1 0N0 D . 10.29 -13.53 -17.59
C2 0N0 D . 8.99 -13.67 -18.43
C3 0N0 D . 8.74 -12.40 -19.30
C4 0N0 D . 8.75 -11.06 -18.48
C5 0N0 D . 9.98 -11.05 -17.53
N6 0N0 D . 10.15 -12.32 -16.77
N7 0N0 D . 9.03 -14.86 -19.27
C8 0N0 D . 8.80 -9.80 -19.33
S9 0N0 D . 7.73 -15.85 -19.43
C10 0N0 D . 7.32 -15.58 -21.13
O11 0N0 D . 8.24 -17.20 -19.22
O12 0N0 D . 6.61 -15.39 -18.62
C13 0N0 D . 8.30 -15.84 -22.11
C14 0N0 D . 7.99 -15.65 -23.49
C15 0N0 D . 6.71 -15.21 -23.87
C16 0N0 D . 5.72 -14.97 -22.88
C17 0N0 D . 6.03 -15.14 -21.51
C18 0N0 D . 6.40 -15.01 -25.36
O19 0N0 D . 9.25 -9.87 -20.46
N20 0N0 D . 8.38 -8.61 -18.79
C21 0N0 D . 8.43 -7.30 -19.47
C22 0N0 D . 9.63 -6.38 -19.05
O23 0N0 D . 11.02 -6.52 -21.54
C24 0N0 D . 10.95 -7.21 -19.21
C25 0N0 D . 11.54 -7.29 -20.49
C26 0N0 D . 12.67 -8.08 -20.73
C27 0N0 D . 13.21 -8.86 -19.69
C28 0N0 D . 12.65 -8.83 -18.40
C29 0N0 D . 11.53 -8.01 -18.17
C30 0N0 D . 10.34 -5.34 -21.28
C31 0N0 D . 9.62 -5.19 -20.07
C32 0N0 D . 8.94 -3.94 -19.89
C33 0N0 D . 8.97 -2.90 -20.85
C34 0N0 D . 9.73 -3.06 -22.03
C35 0N0 D . 10.41 -4.28 -22.22
C36 0N0 D . 9.40 -5.88 -17.58
C37 0N0 D . 10.51 -5.06 -16.85
C38 0N0 D . 10.01 -4.45 -15.52
C39 0N0 D . 10.01 -5.48 -14.36
O40 0N0 D . 9.84 -4.79 -13.11
C41 0N0 D . 8.80 -5.34 -12.30
S SO4 E . -1.59 -0.41 -8.47
O1 SO4 E . -2.42 0.39 -7.53
O2 SO4 E . -0.91 -1.51 -7.76
O3 SO4 E . -2.41 -0.93 -9.55
O4 SO4 E . -0.60 0.51 -9.04
C1 0N0 F . -16.42 10.00 15.60
C2 0N0 F . -17.40 11.19 15.44
C3 0N0 F . -18.20 11.10 14.11
C4 0N0 F . -17.28 10.97 12.86
C5 0N0 F . -16.21 9.85 13.13
N6 0N0 F . -15.53 10.00 14.44
N7 0N0 F . -18.30 11.32 16.58
C8 0N0 F . -18.03 10.59 11.60
S9 0N0 F . -18.63 12.78 17.25
C10 0N0 F . -20.36 12.94 16.85
O11 0N0 F . -18.46 12.61 18.66
O12 0N0 F . -17.89 13.86 16.64
C13 0N0 F . -21.27 11.91 17.26
C14 0N0 F . -22.65 12.00 16.98
C15 0N0 F . -23.11 13.13 16.28
C16 0N0 F . -22.20 14.16 15.86
C17 0N0 F . -20.81 14.07 16.12
C18 0N0 F . -24.61 13.21 15.97
O19 0N0 F . -19.13 10.03 11.68
N20 0N0 F . -17.41 10.85 10.38
C21 0N0 F . -17.98 10.51 9.07
C22 0N0 F . -17.39 9.20 8.41
O23 0N0 F . -19.75 7.58 8.70
C24 0N0 F . -17.49 8.04 9.47
C25 0N0 F . -18.71 7.33 9.59
C26 0N0 F . -18.88 6.33 10.55
C27 0N0 F . -17.86 6.04 11.47
C28 0N0 F . -16.66 6.73 11.39
C29 0N0 F . -16.49 7.72 10.41
C30 0N0 F . -19.49 8.08 7.43
C31 0N0 F . -18.33 8.88 7.20
C32 0N0 F . -18.12 9.36 5.88
C33 0N0 F . -19.01 9.03 4.85
C34 0N0 F . -20.13 8.21 5.10
C35 0N0 F . -20.36 7.75 6.39
C36 0N0 F . -15.93 9.53 7.95
C37 0N0 F . -15.05 8.36 7.37
C38 0N0 F . -13.75 8.94 6.75
C39 0N0 F . -12.68 9.22 7.83
O40 0N0 F . -11.39 9.36 7.20
C41 0N0 F . -10.72 10.57 7.59
#